data_1J8D
#
_entry.id   1J8D
#
_cell.length_a   67.77
_cell.length_b   132.30
_cell.length_c   140.97
_cell.angle_alpha   90.0
_cell.angle_beta   90.0
_cell.angle_gamma   90.0
#
_symmetry.space_group_name_H-M   'I 2 2 2'
#
loop_
_entity.id
_entity.type
_entity.pdbx_description
1 polymer 'deoxy-D-mannose-octulosonate 8-phosphate phosphatase'
2 non-polymer GLYCEROL
3 water water
#
_entity_poly.entity_id   1
_entity_poly.type   'polypeptide(L)'
_entity_poly.pdbx_seq_one_letter_code
;(MSE)QQKLENIKFVITDVDGVLTDGQLHYDANGEAIKSFHVRDGLGIK(MSE)L(MSE)DADIQVAVLSGRDSPILRRR
IADLGIKLFFLGKLEKETACFDL(MSE)KQAGVTAEQTAYIGDDSVDLPAFAACGTSFAVADAPIYVKNAVDHVLSTHGG
KGAFRE(MSE)SD(MSE)ILQAQGKSSVFDTAQGFLKSVKS(MSE)GQ
;
_entity_poly.pdbx_strand_id   A,B,C,D
#
loop_
_chem_comp.id
_chem_comp.type
_chem_comp.name
_chem_comp.formula
GOL non-polymer GLYCEROL 'C3 H8 O3'
#
# COMPACT_ATOMS: atom_id res chain seq x y z
N MSE A 1 18.64 27.77 4.16
CA MSE A 1 18.74 26.30 4.43
C MSE A 1 20.18 25.73 4.48
O MSE A 1 20.48 24.91 5.34
CB MSE A 1 17.95 25.51 3.39
CG MSE A 1 16.44 25.72 3.45
SE MSE A 1 15.67 25.26 5.15
CE MSE A 1 16.24 23.44 5.24
N GLN A 2 21.04 26.16 3.56
CA GLN A 2 22.42 25.63 3.52
C GLN A 2 23.12 25.93 4.84
N GLN A 3 22.88 27.13 5.35
CA GLN A 3 23.43 27.61 6.62
C GLN A 3 22.79 26.85 7.78
N LYS A 4 21.46 26.81 7.81
CA LYS A 4 20.75 26.12 8.88
C LYS A 4 21.15 24.65 8.86
N LEU A 5 21.27 24.09 7.67
CA LEU A 5 21.62 22.68 7.47
C LEU A 5 22.99 22.30 7.92
N GLU A 6 23.99 23.13 7.60
CA GLU A 6 25.35 22.78 8.00
C GLU A 6 25.53 22.94 9.51
N ASN A 7 24.55 23.56 10.17
CA ASN A 7 24.59 23.76 11.63
C ASN A 7 23.79 22.68 12.36
N ILE A 8 23.04 21.87 11.63
CA ILE A 8 22.25 20.85 12.28
C ILE A 8 23.12 19.79 12.90
N LYS A 9 22.84 19.50 14.17
CA LYS A 9 23.58 18.50 14.90
C LYS A 9 22.57 17.52 15.44
N PHE A 10 21.30 17.86 15.31
CA PHE A 10 20.26 17.03 15.92
C PHE A 10 18.97 17.04 15.15
N VAL A 11 18.47 15.83 14.88
CA VAL A 11 17.21 15.68 14.16
C VAL A 11 16.16 14.93 14.98
N ILE A 12 15.00 15.56 15.08
CA ILE A 12 13.87 15.01 15.79
C ILE A 12 12.81 14.79 14.72
N THR A 13 12.28 13.57 14.66
CA THR A 13 11.27 13.25 13.66
C THR A 13 10.01 12.74 14.34
N ASP A 14 8.85 13.03 13.76
CA ASP A 14 7.57 12.50 14.24
C ASP A 14 7.56 11.10 13.63
N VAL A 15 6.60 10.27 14.00
CA VAL A 15 6.59 8.94 13.45
C VAL A 15 5.46 8.67 12.49
N ASP A 16 4.24 8.60 13.02
CA ASP A 16 3.10 8.31 12.18
C ASP A 16 2.89 9.50 11.33
N GLY A 17 3.09 9.29 10.04
CA GLY A 17 2.97 10.38 9.09
C GLY A 17 4.33 10.74 8.49
N VAL A 18 5.41 10.44 9.19
CA VAL A 18 6.74 10.77 8.67
C VAL A 18 7.51 9.51 8.33
N LEU A 19 7.77 8.69 9.32
CA LEU A 19 8.46 7.45 9.11
C LEU A 19 7.51 6.40 8.54
N THR A 20 6.22 6.74 8.49
CA THR A 20 5.18 5.85 7.99
C THR A 20 4.27 6.71 7.14
N ASP A 21 3.35 6.09 6.41
CA ASP A 21 2.43 6.88 5.59
C ASP A 21 1.20 7.33 6.37
N GLY A 22 1.30 7.31 7.69
CA GLY A 22 0.20 7.77 8.54
C GLY A 22 -0.85 6.72 8.79
N GLN A 23 -0.64 5.60 8.12
CA GLN A 23 -1.52 4.47 8.22
C GLN A 23 -1.32 3.81 9.59
N LEU A 24 -2.43 3.41 10.21
CA LEU A 24 -2.34 2.73 11.48
C LEU A 24 -2.97 1.40 11.16
N HIS A 25 -2.16 0.34 11.25
CA HIS A 25 -2.62 -1.00 10.93
C HIS A 25 -3.19 -1.67 12.17
N TYR A 26 -4.49 -1.78 12.18
CA TYR A 26 -5.21 -2.38 13.27
C TYR A 26 -5.58 -3.85 13.09
N ASP A 27 -5.54 -4.59 14.18
CA ASP A 27 -6.08 -5.95 14.20
C ASP A 27 -7.09 -5.74 15.34
N ALA A 28 -7.82 -6.78 15.71
CA ALA A 28 -8.80 -6.63 16.77
C ALA A 28 -8.29 -5.95 18.05
N ASN A 29 -6.97 -5.87 18.23
CA ASN A 29 -6.42 -5.31 19.45
C ASN A 29 -5.72 -3.95 19.42
N GLY A 30 -5.86 -3.20 18.32
CA GLY A 30 -5.19 -1.91 18.23
C GLY A 30 -4.08 -2.09 17.22
N GLU A 31 -3.11 -1.18 17.21
CA GLU A 31 -1.97 -1.25 16.28
C GLU A 31 -1.33 -2.64 16.29
N ALA A 32 -1.34 -3.27 15.12
CA ALA A 32 -0.81 -4.60 14.96
C ALA A 32 0.44 -4.61 14.09
N ILE A 33 0.60 -3.58 13.26
CA ILE A 33 1.76 -3.46 12.38
C ILE A 33 2.08 -2.00 12.15
N LYS A 34 3.36 -1.67 12.11
CA LYS A 34 3.84 -0.33 11.79
C LYS A 34 4.82 -0.53 10.63
N SER A 35 4.59 0.18 9.54
CA SER A 35 5.47 0.01 8.41
C SER A 35 6.49 1.11 8.33
N PHE A 36 7.75 0.74 8.30
CA PHE A 36 8.81 1.72 8.21
C PHE A 36 9.53 1.49 6.91
N HIS A 37 10.14 2.52 6.36
CA HIS A 37 10.87 2.38 5.11
C HIS A 37 12.37 2.17 5.29
N VAL A 38 12.93 1.17 4.59
CA VAL A 38 14.36 0.85 4.68
C VAL A 38 15.28 2.03 4.38
N ARG A 39 14.96 2.81 3.35
CA ARG A 39 15.85 3.89 3.02
C ARG A 39 15.83 4.97 4.11
N ASP A 40 14.71 5.07 4.83
CA ASP A 40 14.69 6.00 5.97
C ASP A 40 15.63 5.46 7.05
N GLY A 41 15.69 4.13 7.21
CA GLY A 41 16.53 3.54 8.23
C GLY A 41 17.98 3.87 7.96
N LEU A 42 18.41 3.64 6.72
CA LEU A 42 19.78 3.92 6.32
C LEU A 42 20.04 5.38 6.57
N GLY A 43 19.03 6.21 6.30
CA GLY A 43 19.18 7.63 6.55
C GLY A 43 19.54 7.93 8.00
N ILE A 44 18.75 7.37 8.92
CA ILE A 44 18.97 7.60 10.31
C ILE A 44 20.39 7.16 10.68
N LYS A 45 20.78 5.96 10.26
CA LYS A 45 22.13 5.48 10.54
C LYS A 45 23.20 6.39 9.91
N MSE A 46 22.98 6.86 8.69
CA MSE A 46 23.97 7.74 8.07
C MSE A 46 24.13 9.05 8.82
O MSE A 46 25.24 9.58 8.94
CB MSE A 46 23.61 8.00 6.61
CG MSE A 46 23.67 6.75 5.80
SE MSE A 46 22.97 7.00 4.08
CE MSE A 46 21.33 7.77 4.50
N LEU A 47 23.01 9.57 9.35
CA LEU A 47 22.98 10.81 10.11
C LEU A 47 23.78 10.64 11.42
N MSE A 48 23.48 9.56 12.13
CA MSE A 48 24.13 9.31 13.41
C MSE A 48 25.59 9.08 13.17
O MSE A 48 26.45 9.52 13.94
CB MSE A 48 23.51 8.09 14.10
CG MSE A 48 22.03 8.24 14.42
SE MSE A 48 21.33 6.60 15.06
CE MSE A 48 21.92 5.49 13.69
N ASP A 49 25.88 8.39 12.08
CA ASP A 49 27.22 8.08 11.73
C ASP A 49 28.01 9.35 11.42
N ALA A 50 27.32 10.40 10.94
CA ALA A 50 27.98 11.66 10.64
C ALA A 50 27.93 12.64 11.82
N ASP A 51 27.82 12.11 13.03
CA ASP A 51 27.74 12.94 14.24
C ASP A 51 26.50 13.84 14.37
N ILE A 52 25.41 13.41 13.75
CA ILE A 52 24.15 14.12 13.88
C ILE A 52 23.22 13.17 14.62
N GLN A 53 22.84 13.54 15.84
CA GLN A 53 21.94 12.72 16.62
C GLN A 53 20.51 12.73 16.06
N VAL A 54 19.80 11.64 16.26
CA VAL A 54 18.44 11.53 15.78
C VAL A 54 17.53 11.12 16.92
N ALA A 55 16.46 11.88 17.13
CA ALA A 55 15.53 11.53 18.17
C ALA A 55 14.19 11.31 17.49
N VAL A 56 13.28 10.68 18.20
CA VAL A 56 11.97 10.38 17.68
C VAL A 56 10.98 10.96 18.66
N LEU A 57 9.96 11.59 18.11
CA LEU A 57 8.88 12.17 18.89
C LEU A 57 7.56 11.66 18.34
N SER A 58 6.77 11.00 19.16
CA SER A 58 5.47 10.53 18.72
C SER A 58 4.45 10.61 19.85
N GLY A 59 3.18 10.86 19.50
CA GLY A 59 2.16 10.91 20.54
C GLY A 59 1.73 9.50 20.87
N ARG A 60 2.03 8.58 19.97
CA ARG A 60 1.67 7.20 20.16
C ARG A 60 2.87 6.38 20.62
N ASP A 61 2.69 5.65 21.71
CA ASP A 61 3.73 4.80 22.25
C ASP A 61 3.23 3.41 21.94
N SER A 62 4.11 2.57 21.40
CA SER A 62 3.73 1.19 21.10
C SER A 62 5.00 0.41 21.03
N PRO A 63 4.95 -0.83 21.52
CA PRO A 63 6.13 -1.70 21.51
C PRO A 63 6.67 -1.89 20.07
N ILE A 64 5.80 -1.72 19.10
CA ILE A 64 6.25 -1.87 17.73
C ILE A 64 7.23 -0.75 17.42
N LEU A 65 6.85 0.48 17.73
CA LEU A 65 7.72 1.60 17.49
C LEU A 65 9.01 1.43 18.29
N ARG A 66 8.88 1.07 19.56
CA ARG A 66 10.06 0.91 20.39
C ARG A 66 10.97 -0.11 19.76
N ARG A 67 10.40 -1.17 19.19
CA ARG A 67 11.28 -2.15 18.56
C ARG A 67 12.10 -1.48 17.45
N ARG A 68 11.43 -0.72 16.59
CA ARG A 68 12.08 -0.03 15.47
C ARG A 68 13.15 0.92 16.00
N ILE A 69 12.81 1.68 17.04
CA ILE A 69 13.73 2.62 17.63
C ILE A 69 14.98 1.89 18.07
N ALA A 70 14.81 0.67 18.61
CA ALA A 70 15.95 -0.10 19.07
C ALA A 70 16.81 -0.62 17.91
N ASP A 71 16.17 -1.13 16.86
CA ASP A 71 16.93 -1.64 15.71
C ASP A 71 17.80 -0.54 15.11
N LEU A 72 17.26 0.67 15.14
CA LEU A 72 17.93 1.80 14.58
C LEU A 72 18.99 2.33 15.50
N GLY A 73 18.89 2.00 16.78
CA GLY A 73 19.87 2.49 17.72
C GLY A 73 19.67 3.98 17.98
N ILE A 74 18.40 4.37 18.06
CA ILE A 74 18.04 5.73 18.35
C ILE A 74 18.00 5.81 19.87
N LYS A 75 18.78 6.73 20.42
CA LYS A 75 18.91 6.88 21.86
C LYS A 75 17.90 7.83 22.54
N LEU A 76 17.61 8.97 21.92
CA LEU A 76 16.69 9.93 22.52
C LEU A 76 15.32 9.88 21.87
N PHE A 77 14.28 9.78 22.68
CA PHE A 77 12.93 9.73 22.13
C PHE A 77 11.89 9.93 23.20
N PHE A 78 10.77 10.52 22.81
CA PHE A 78 9.64 10.76 23.71
C PHE A 78 8.44 10.16 23.04
N LEU A 79 7.77 9.28 23.75
CA LEU A 79 6.61 8.64 23.20
C LEU A 79 5.32 8.98 23.97
N GLY A 80 4.18 8.72 23.36
CA GLY A 80 2.92 8.96 24.03
C GLY A 80 2.52 10.40 24.31
N LYS A 81 3.35 11.37 23.97
CA LYS A 81 2.96 12.74 24.24
C LYS A 81 2.59 13.57 23.02
N LEU A 82 1.36 14.08 23.01
CA LEU A 82 0.88 14.93 21.91
C LEU A 82 1.16 16.43 22.13
N GLU A 83 1.91 16.78 23.17
CA GLU A 83 2.29 18.18 23.46
C GLU A 83 3.80 18.16 23.21
N LYS A 84 4.17 18.35 21.95
CA LYS A 84 5.55 18.27 21.49
C LYS A 84 6.57 19.36 21.81
N GLU A 85 6.09 20.53 22.20
CA GLU A 85 6.95 21.66 22.51
C GLU A 85 8.00 21.40 23.61
N THR A 86 7.55 21.15 24.83
CA THR A 86 8.49 20.90 25.90
C THR A 86 9.31 19.68 25.53
N ALA A 87 8.64 18.65 25.04
CA ALA A 87 9.32 17.41 24.64
C ALA A 87 10.54 17.78 23.79
N CYS A 88 10.36 18.71 22.84
CA CYS A 88 11.46 19.15 21.95
C CYS A 88 12.60 19.78 22.74
N PHE A 89 12.26 20.64 23.67
CA PHE A 89 13.32 21.26 24.45
C PHE A 89 14.07 20.25 25.30
N ASP A 90 13.33 19.35 25.93
CA ASP A 90 13.95 18.33 26.75
C ASP A 90 14.95 17.54 25.90
N LEU A 91 14.51 17.11 24.71
CA LEU A 91 15.40 16.32 23.84
C LEU A 91 16.62 17.14 23.44
N MSE A 92 16.40 18.40 23.13
CA MSE A 92 17.52 19.23 22.78
C MSE A 92 18.50 19.35 23.95
O MSE A 92 19.72 19.20 23.74
CB MSE A 92 17.04 20.60 22.35
CG MSE A 92 16.41 20.55 20.98
SE MSE A 92 15.92 22.31 20.51
CE MSE A 92 14.01 22.24 20.60
N LYS A 93 18.01 19.58 25.17
CA LYS A 93 18.92 19.68 26.31
C LYS A 93 19.64 18.33 26.46
N GLN A 94 18.90 17.25 26.25
CA GLN A 94 19.52 15.95 26.36
C GLN A 94 20.59 15.81 25.29
N ALA A 95 20.26 16.21 24.06
CA ALA A 95 21.24 16.09 22.98
C ALA A 95 22.44 17.05 23.15
N GLY A 96 22.30 18.06 24.00
CA GLY A 96 23.36 19.03 24.24
C GLY A 96 23.49 20.05 23.14
N VAL A 97 22.40 20.23 22.39
CA VAL A 97 22.35 21.15 21.27
C VAL A 97 21.39 22.28 21.53
N THR A 98 21.53 23.33 20.75
CA THR A 98 20.65 24.47 20.87
C THR A 98 19.55 24.27 19.83
N ALA A 99 18.49 25.06 19.93
CA ALA A 99 17.38 24.97 19.00
C ALA A 99 17.88 25.24 17.59
N GLU A 100 18.92 26.07 17.48
CA GLU A 100 19.48 26.43 16.19
C GLU A 100 20.26 25.27 15.59
N GLN A 101 20.50 24.24 16.36
CA GLN A 101 21.25 23.12 15.83
C GLN A 101 20.35 21.94 15.57
N THR A 102 19.06 22.11 15.85
CA THR A 102 18.17 21.00 15.67
C THR A 102 17.08 21.14 14.64
N ALA A 103 16.89 20.03 13.92
CA ALA A 103 15.91 19.91 12.88
C ALA A 103 14.77 19.02 13.37
N TYR A 104 13.56 19.33 12.93
CA TYR A 104 12.38 18.56 13.26
C TYR A 104 11.64 18.24 11.95
N ILE A 105 11.18 17.01 11.75
CA ILE A 105 10.41 16.71 10.53
C ILE A 105 9.01 16.22 10.93
N GLY A 106 7.98 16.92 10.44
CA GLY A 106 6.61 16.54 10.77
C GLY A 106 5.63 16.40 9.62
N ASP A 107 4.35 16.28 9.97
CA ASP A 107 3.27 16.06 9.01
C ASP A 107 1.88 16.55 9.43
N ASP A 108 1.66 16.82 10.72
CA ASP A 108 0.31 17.26 11.08
C ASP A 108 0.26 18.37 12.13
N SER A 109 -0.93 18.88 12.38
CA SER A 109 -1.17 19.96 13.34
C SER A 109 -0.41 19.72 14.62
N VAL A 110 -0.45 18.47 15.07
CA VAL A 110 0.25 18.04 16.28
C VAL A 110 1.71 18.49 16.31
N ASP A 111 2.32 18.63 15.13
CA ASP A 111 3.73 19.01 15.02
C ASP A 111 3.99 20.52 15.01
N LEU A 112 2.94 21.32 14.87
CA LEU A 112 3.14 22.76 14.84
C LEU A 112 4.02 23.19 16.00
N PRO A 113 3.64 22.81 17.23
CA PRO A 113 4.50 23.23 18.35
C PRO A 113 5.97 22.86 18.20
N ALA A 114 6.21 21.70 17.60
CA ALA A 114 7.57 21.21 17.37
C ALA A 114 8.32 22.14 16.41
N PHE A 115 7.65 22.48 15.33
CA PHE A 115 8.23 23.37 14.35
C PHE A 115 8.77 24.64 15.00
N ALA A 116 7.96 25.25 15.86
CA ALA A 116 8.29 26.50 16.59
C ALA A 116 9.44 26.33 17.57
N ALA A 117 9.50 25.18 18.24
CA ALA A 117 10.58 24.98 19.21
C ALA A 117 11.97 24.68 18.58
N CYS A 118 11.97 24.12 17.37
CA CYS A 118 13.20 23.71 16.66
C CYS A 118 13.67 24.71 15.60
N GLY A 119 14.98 24.97 15.57
CA GLY A 119 15.53 25.93 14.63
C GLY A 119 15.11 25.65 13.20
N THR A 120 15.24 24.39 12.83
CA THR A 120 14.91 23.97 11.48
C THR A 120 13.78 22.93 11.46
N SER A 121 12.83 23.13 10.56
CA SER A 121 11.70 22.25 10.45
C SER A 121 11.42 21.79 9.01
N PHE A 122 10.97 20.55 8.88
CA PHE A 122 10.66 19.98 7.58
C PHE A 122 9.25 19.42 7.61
N ALA A 123 8.58 19.46 6.48
CA ALA A 123 7.25 18.89 6.40
C ALA A 123 7.27 17.81 5.30
N VAL A 124 6.57 16.69 5.51
CA VAL A 124 6.55 15.66 4.48
C VAL A 124 5.63 16.13 3.37
N ALA A 125 5.92 15.66 2.16
CA ALA A 125 5.16 16.04 0.97
C ALA A 125 3.65 15.97 1.11
N ASP A 126 3.12 15.00 1.86
CA ASP A 126 1.68 14.91 1.99
C ASP A 126 1.09 15.59 3.21
N ALA A 127 1.87 16.44 3.86
CA ALA A 127 1.35 17.15 5.01
C ALA A 127 0.31 18.12 4.51
N PRO A 128 -0.63 18.56 5.37
CA PRO A 128 -1.65 19.51 4.93
C PRO A 128 -0.97 20.91 4.86
N ILE A 129 -1.50 21.77 4.01
CA ILE A 129 -0.91 23.09 3.82
C ILE A 129 -0.65 23.91 5.09
N TYR A 130 -1.53 23.83 6.08
CA TYR A 130 -1.34 24.59 7.31
C TYR A 130 -0.19 24.05 8.13
N VAL A 131 0.42 22.96 7.63
CA VAL A 131 1.62 22.38 8.24
C VAL A 131 2.81 22.82 7.38
N LYS A 132 2.65 22.75 6.06
CA LYS A 132 3.71 23.15 5.17
C LYS A 132 4.02 24.61 5.38
N ASN A 133 2.99 25.35 5.84
CA ASN A 133 3.06 26.80 6.11
C ASN A 133 3.94 27.12 7.26
N ALA A 134 3.93 26.21 8.23
CA ALA A 134 4.66 26.40 9.46
C ALA A 134 6.11 25.92 9.45
N VAL A 135 6.58 25.35 8.35
CA VAL A 135 7.95 24.84 8.34
C VAL A 135 8.89 25.59 7.40
N ASP A 136 10.17 25.31 7.55
CA ASP A 136 11.18 25.95 6.75
C ASP A 136 11.25 25.28 5.41
N HIS A 137 11.23 23.95 5.42
CA HIS A 137 11.33 23.21 4.18
C HIS A 137 10.30 22.11 4.01
N VAL A 138 9.56 22.16 2.91
CA VAL A 138 8.61 21.11 2.61
C VAL A 138 9.35 20.10 1.73
N LEU A 139 9.40 18.85 2.18
CA LEU A 139 10.07 17.80 1.43
C LEU A 139 9.20 17.37 0.25
N SER A 140 9.79 16.68 -0.71
CA SER A 140 9.02 16.24 -1.85
C SER A 140 8.57 14.78 -1.77
N THR A 141 9.08 14.04 -0.79
CA THR A 141 8.69 12.65 -0.65
C THR A 141 7.58 12.46 0.38
N HIS A 142 6.64 11.58 0.07
CA HIS A 142 5.50 11.30 0.94
C HIS A 142 5.98 10.70 2.24
N GLY A 143 5.16 10.85 3.29
CA GLY A 143 5.48 10.29 4.59
C GLY A 143 5.58 8.78 4.43
N GLY A 144 6.61 8.16 5.02
CA GLY A 144 6.75 6.72 4.91
C GLY A 144 7.28 6.19 3.57
N LYS A 145 7.64 7.08 2.67
CA LYS A 145 8.16 6.67 1.38
C LYS A 145 9.64 7.07 1.30
N GLY A 146 10.17 7.59 2.40
CA GLY A 146 11.55 8.01 2.44
C GLY A 146 11.75 9.49 2.59
N ALA A 147 10.75 10.17 3.12
CA ALA A 147 10.84 11.60 3.32
C ALA A 147 12.00 11.91 4.26
N PHE A 148 12.21 11.03 5.23
CA PHE A 148 13.25 11.27 6.19
C PHE A 148 14.61 11.16 5.52
N ARG A 149 14.72 10.21 4.58
CA ARG A 149 15.96 10.01 3.85
C ARG A 149 16.22 11.23 2.98
N GLU A 150 15.15 11.76 2.39
CA GLU A 150 15.27 12.94 1.55
C GLU A 150 15.92 14.02 2.42
N MSE A 151 15.35 14.25 3.60
CA MSE A 151 15.92 15.23 4.54
C MSE A 151 17.37 14.93 5.00
O MSE A 151 18.22 15.83 5.00
CB MSE A 151 15.03 15.36 5.77
CG MSE A 151 15.53 16.38 6.80
SE MSE A 151 14.81 16.04 8.55
CE MSE A 151 15.57 14.27 8.81
N SER A 152 17.66 13.69 5.39
CA SER A 152 19.01 13.37 5.86
C SER A 152 20.04 13.51 4.74
N ASP A 153 19.70 13.07 3.55
CA ASP A 153 20.61 13.20 2.43
C ASP A 153 20.91 14.70 2.32
N MSE A 154 19.84 15.48 2.42
CA MSE A 154 19.95 16.92 2.36
C MSE A 154 20.87 17.51 3.44
O MSE A 154 21.61 18.47 3.19
CB MSE A 154 18.54 17.51 2.46
CG MSE A 154 18.43 18.96 2.10
SE MSE A 154 16.59 19.50 2.18
CE MSE A 154 15.83 18.01 1.47
N ILE A 155 20.83 16.96 4.64
CA ILE A 155 21.67 17.50 5.68
C ILE A 155 23.12 17.04 5.45
N LEU A 156 23.28 15.77 5.13
CA LEU A 156 24.62 15.23 4.89
C LEU A 156 25.29 15.93 3.71
N GLN A 157 24.54 16.15 2.64
CA GLN A 157 25.07 16.82 1.48
C GLN A 157 25.53 18.22 1.90
N ALA A 158 24.63 18.94 2.58
CA ALA A 158 24.92 20.28 3.03
C ALA A 158 26.14 20.37 3.93
N GLN A 159 26.47 19.27 4.61
CA GLN A 159 27.59 19.25 5.52
C GLN A 159 28.86 18.65 4.91
N GLY A 160 28.86 18.49 3.59
CA GLY A 160 30.03 17.95 2.91
C GLY A 160 30.24 16.50 3.26
N LYS A 161 29.16 15.85 3.66
CA LYS A 161 29.22 14.44 4.04
C LYS A 161 28.38 13.53 3.12
N SER A 162 27.93 14.04 1.98
CA SER A 162 27.11 13.24 1.08
C SER A 162 27.78 11.95 0.54
N SER A 163 29.09 11.87 0.71
CA SER A 163 29.89 10.70 0.25
C SER A 163 29.41 9.33 0.73
N VAL A 164 29.12 9.21 2.02
CA VAL A 164 28.66 7.94 2.57
C VAL A 164 27.50 7.38 1.77
N PHE A 165 26.72 8.23 1.10
CA PHE A 165 25.60 7.70 0.34
C PHE A 165 25.69 7.77 -1.18
N ASP A 166 26.54 8.63 -1.73
CA ASP A 166 26.65 8.70 -3.19
C ASP A 166 27.89 7.99 -3.80
N THR A 167 28.64 7.26 -3.00
CA THR A 167 29.81 6.55 -3.53
C THR A 167 29.93 5.21 -2.83
N ALA A 168 30.24 4.18 -3.60
CA ALA A 168 30.41 2.83 -3.09
C ALA A 168 31.47 2.82 -2.02
N GLN A 169 32.56 3.53 -2.27
CA GLN A 169 33.65 3.59 -1.31
C GLN A 169 33.23 4.40 -0.09
N GLY A 170 32.60 5.56 -0.31
CA GLY A 170 32.15 6.35 0.83
C GLY A 170 31.25 5.50 1.72
N PHE A 171 30.36 4.73 1.08
CA PHE A 171 29.45 3.86 1.81
C PHE A 171 30.23 2.79 2.54
N LEU A 172 31.04 2.06 1.80
CA LEU A 172 31.87 0.99 2.34
C LEU A 172 32.74 1.39 3.55
N LYS A 173 33.06 2.69 3.68
CA LYS A 173 33.86 3.17 4.81
C LYS A 173 32.99 3.28 6.07
N SER A 174 31.73 3.65 5.89
CA SER A 174 30.83 3.79 7.03
C SER A 174 29.92 2.57 7.14
N VAL A 175 30.32 1.47 6.50
CA VAL A 175 29.47 0.30 6.50
C VAL A 175 29.22 -0.37 7.83
N LYS A 176 30.23 -0.45 8.69
CA LYS A 176 30.04 -1.09 9.99
C LYS A 176 29.02 -0.38 10.86
N SER A 177 28.56 0.80 10.43
CA SER A 177 27.58 1.59 11.16
C SER A 177 26.25 1.79 10.41
N MSE A 178 25.90 0.89 9.50
CA MSE A 178 24.65 1.09 8.73
C MSE A 178 23.49 0.14 9.13
O MSE A 178 22.36 0.19 8.58
CB MSE A 178 24.99 0.97 7.23
CG MSE A 178 26.03 1.99 6.72
SE MSE A 178 25.51 3.89 6.72
CE MSE A 178 26.19 4.51 8.42
N GLY A 179 23.78 -0.70 10.13
CA GLY A 179 22.82 -1.69 10.63
C GLY A 179 21.53 -1.19 11.27
N GLN A 180 20.41 -1.59 10.67
CA GLN A 180 19.08 -1.23 11.14
C GLN A 180 18.31 -2.49 11.55
N MSE B 1 -21.90 24.77 -0.20
CA MSE B 1 -21.39 23.96 0.94
C MSE B 1 -21.31 24.79 2.20
O MSE B 1 -21.74 24.36 3.27
CB MSE B 1 -19.97 23.44 0.66
CG MSE B 1 -19.89 22.30 -0.34
SE MSE B 1 -20.72 20.75 0.34
CE MSE B 1 -22.22 20.71 -0.89
N GLN B 2 -20.74 25.99 2.05
CA GLN B 2 -20.55 26.91 3.17
C GLN B 2 -21.72 26.89 4.12
N GLN B 3 -22.91 27.17 3.62
CA GLN B 3 -24.10 27.15 4.46
C GLN B 3 -24.27 25.75 5.04
N LYS B 4 -24.14 24.74 4.19
CA LYS B 4 -24.26 23.37 4.63
C LYS B 4 -23.27 23.11 5.76
N LEU B 5 -22.00 23.34 5.49
CA LEU B 5 -20.95 23.12 6.47
C LEU B 5 -21.21 23.77 7.82
N GLU B 6 -21.62 25.03 7.82
CA GLU B 6 -21.85 25.74 9.10
C GLU B 6 -22.90 25.12 10.00
N ASN B 7 -23.78 24.32 9.43
CA ASN B 7 -24.87 23.73 10.21
C ASN B 7 -24.64 22.30 10.64
N ILE B 8 -23.50 21.74 10.23
CA ILE B 8 -23.17 20.37 10.56
C ILE B 8 -22.89 20.22 12.03
N LYS B 9 -23.67 19.36 12.67
CA LYS B 9 -23.47 19.10 14.08
C LYS B 9 -23.28 17.60 14.26
N PHE B 10 -23.30 16.89 13.14
CA PHE B 10 -23.15 15.43 13.13
C PHE B 10 -22.55 14.92 11.79
N VAL B 11 -21.50 14.13 11.89
CA VAL B 11 -20.88 13.54 10.70
C VAL B 11 -20.99 11.99 10.75
N ILE B 12 -21.52 11.38 9.69
CA ILE B 12 -21.63 9.93 9.67
C ILE B 12 -20.67 9.45 8.59
N THR B 13 -19.77 8.54 8.93
CA THR B 13 -18.82 8.07 7.93
C THR B 13 -18.84 6.57 7.69
N ASP B 14 -18.72 6.20 6.43
CA ASP B 14 -18.63 4.80 6.07
C ASP B 14 -17.20 4.43 6.42
N VAL B 15 -16.89 3.14 6.46
CA VAL B 15 -15.54 2.70 6.79
C VAL B 15 -14.71 2.29 5.57
N ASP B 16 -15.05 1.14 4.98
CA ASP B 16 -14.32 0.58 3.84
C ASP B 16 -14.45 1.39 2.56
N GLY B 17 -13.36 2.06 2.19
CA GLY B 17 -13.40 2.89 1.01
C GLY B 17 -13.31 4.35 1.44
N VAL B 18 -13.62 4.62 2.71
CA VAL B 18 -13.53 5.98 3.26
C VAL B 18 -12.43 6.06 4.30
N LEU B 19 -12.59 5.37 5.43
CA LEU B 19 -11.53 5.44 6.41
C LEU B 19 -10.35 4.62 5.97
N THR B 20 -10.58 3.81 4.95
CA THR B 20 -9.55 2.94 4.42
C THR B 20 -9.59 3.05 2.91
N ASP B 21 -8.63 2.40 2.23
CA ASP B 21 -8.61 2.40 0.78
C ASP B 21 -9.40 1.25 0.16
N GLY B 22 -10.32 0.65 0.95
CA GLY B 22 -11.15 -0.43 0.44
C GLY B 22 -10.52 -1.82 0.43
N GLN B 23 -9.23 -1.88 0.69
CA GLN B 23 -8.57 -3.17 0.71
C GLN B 23 -9.05 -3.92 1.94
N LEU B 24 -9.41 -5.19 1.75
CA LEU B 24 -9.83 -6.04 2.86
C LEU B 24 -8.69 -7.04 3.02
N HIS B 25 -7.90 -6.85 4.08
CA HIS B 25 -6.75 -7.70 4.36
C HIS B 25 -7.22 -8.94 5.11
N TYR B 26 -7.32 -10.04 4.37
CA TYR B 26 -7.82 -11.29 4.88
C TYR B 26 -6.80 -12.24 5.51
N ASP B 27 -7.30 -12.91 6.54
CA ASP B 27 -6.67 -13.94 7.35
C ASP B 27 -7.37 -15.19 6.81
N ALA B 28 -7.02 -16.35 7.31
CA ALA B 28 -7.72 -17.53 6.87
C ALA B 28 -9.08 -17.37 7.56
N ASN B 29 -9.14 -16.40 8.46
CA ASN B 29 -10.36 -16.18 9.24
C ASN B 29 -11.16 -14.97 8.88
N GLY B 30 -10.81 -14.31 7.79
CA GLY B 30 -11.50 -13.08 7.44
C GLY B 30 -10.57 -11.90 7.67
N GLU B 31 -11.12 -10.71 7.81
CA GLU B 31 -10.30 -9.53 8.01
C GLU B 31 -9.34 -9.73 9.17
N ALA B 32 -8.05 -9.61 8.85
CA ALA B 32 -6.94 -9.76 9.77
C ALA B 32 -6.36 -8.39 10.12
N ILE B 33 -6.38 -7.49 9.15
CA ILE B 33 -5.88 -6.13 9.36
C ILE B 33 -6.79 -5.08 8.73
N LYS B 34 -6.87 -3.92 9.39
CA LYS B 34 -7.60 -2.78 8.85
C LYS B 34 -6.68 -1.62 9.12
N SER B 35 -6.39 -0.88 8.08
CA SER B 35 -5.51 0.27 8.17
C SER B 35 -6.36 1.55 8.20
N PHE B 36 -6.12 2.40 9.18
CA PHE B 36 -6.85 3.67 9.33
C PHE B 36 -5.80 4.77 9.37
N HIS B 37 -6.06 5.88 8.70
CA HIS B 37 -5.09 6.96 8.68
C HIS B 37 -5.11 7.81 9.95
N VAL B 38 -3.93 8.10 10.48
CA VAL B 38 -3.79 8.86 11.72
C VAL B 38 -4.42 10.27 11.65
N ARG B 39 -4.38 10.91 10.50
CA ARG B 39 -4.94 12.24 10.36
C ARG B 39 -6.44 12.18 10.27
N ASP B 40 -6.97 11.07 9.79
CA ASP B 40 -8.43 10.96 9.75
C ASP B 40 -8.76 10.86 11.23
N GLY B 41 -7.98 10.05 11.92
CA GLY B 41 -8.15 9.86 13.34
C GLY B 41 -8.23 11.21 14.05
N LEU B 42 -7.23 12.07 13.85
CA LEU B 42 -7.24 13.36 14.50
C LEU B 42 -8.45 14.20 14.03
N GLY B 43 -8.81 14.08 12.75
CA GLY B 43 -9.93 14.87 12.26
C GLY B 43 -11.20 14.49 12.99
N ILE B 44 -11.33 13.22 13.35
CA ILE B 44 -12.53 12.78 14.03
C ILE B 44 -12.58 13.47 15.39
N LYS B 45 -11.44 13.47 16.08
CA LYS B 45 -11.35 14.06 17.41
C LYS B 45 -11.59 15.58 17.38
N MSE B 46 -11.02 16.28 16.40
CA MSE B 46 -11.22 17.72 16.34
C MSE B 46 -12.71 18.00 16.18
O MSE B 46 -13.22 18.96 16.75
CB MSE B 46 -10.42 18.30 15.20
CG MSE B 46 -8.96 18.07 15.35
SE MSE B 46 -8.03 18.44 13.73
CE MSE B 46 -6.44 19.06 14.59
N LEU B 47 -13.39 17.16 15.39
CA LEU B 47 -14.83 17.31 15.18
C LEU B 47 -15.58 17.18 16.50
N MSE B 48 -15.35 16.05 17.18
CA MSE B 48 -16.01 15.81 18.43
C MSE B 48 -15.75 16.98 19.40
O MSE B 48 -16.68 17.51 20.00
CB MSE B 48 -15.54 14.48 19.01
CG MSE B 48 -16.04 13.28 18.23
SE MSE B 48 -15.06 11.69 18.56
CE MSE B 48 -15.37 11.55 20.45
N ASP B 49 -14.48 17.39 19.48
CA ASP B 49 -14.02 18.50 20.33
C ASP B 49 -14.73 19.82 20.06
N ALA B 50 -15.25 19.97 18.84
CA ALA B 50 -15.97 21.16 18.42
C ALA B 50 -17.48 20.88 18.49
N ASP B 51 -17.89 20.01 19.40
CA ASP B 51 -19.31 19.67 19.53
C ASP B 51 -19.99 19.18 18.26
N ILE B 52 -19.27 18.42 17.46
CA ILE B 52 -19.84 17.82 16.25
C ILE B 52 -19.66 16.31 16.43
N GLN B 53 -20.76 15.62 16.64
CA GLN B 53 -20.73 14.19 16.84
C GLN B 53 -20.31 13.44 15.59
N VAL B 54 -19.67 12.29 15.80
CA VAL B 54 -19.21 11.49 14.70
C VAL B 54 -19.74 10.08 14.87
N ALA B 55 -20.31 9.55 13.79
CA ALA B 55 -20.86 8.20 13.81
C ALA B 55 -20.30 7.43 12.61
N VAL B 56 -20.37 6.10 12.70
CA VAL B 56 -19.87 5.22 11.66
C VAL B 56 -20.96 4.26 11.21
N LEU B 57 -21.08 4.13 9.91
CA LEU B 57 -22.06 3.24 9.34
C LEU B 57 -21.23 2.43 8.36
N SER B 58 -21.07 1.13 8.60
CA SER B 58 -20.27 0.28 7.71
C SER B 58 -21.00 -0.96 7.27
N GLY B 59 -20.75 -1.36 6.02
CA GLY B 59 -21.38 -2.54 5.45
C GLY B 59 -20.87 -3.82 6.10
N ARG B 60 -19.66 -3.78 6.63
CA ARG B 60 -19.07 -4.93 7.28
C ARG B 60 -19.01 -4.66 8.79
N ASP B 61 -18.76 -5.72 9.52
CA ASP B 61 -18.68 -5.59 10.96
C ASP B 61 -17.50 -6.45 11.34
N SER B 62 -16.61 -5.95 12.18
CA SER B 62 -15.46 -6.75 12.57
C SER B 62 -14.92 -6.28 13.92
N PRO B 63 -14.19 -7.14 14.61
CA PRO B 63 -13.71 -6.59 15.88
C PRO B 63 -12.58 -5.57 15.67
N ILE B 64 -11.96 -5.61 14.50
CA ILE B 64 -10.89 -4.65 14.22
C ILE B 64 -11.50 -3.26 14.12
N LEU B 65 -12.60 -3.16 13.38
CA LEU B 65 -13.30 -1.90 13.20
C LEU B 65 -13.80 -1.36 14.57
N ARG B 66 -14.43 -2.24 15.34
CA ARG B 66 -14.94 -1.84 16.65
C ARG B 66 -13.87 -1.28 17.58
N ARG B 67 -12.65 -1.78 17.43
CA ARG B 67 -11.52 -1.30 18.23
C ARG B 67 -11.11 0.12 17.81
N ARG B 68 -11.15 0.38 16.51
CA ARG B 68 -10.79 1.69 16.03
C ARG B 68 -11.85 2.66 16.57
N ILE B 69 -13.10 2.21 16.48
CA ILE B 69 -14.27 2.97 16.91
C ILE B 69 -14.17 3.35 18.33
N ALA B 70 -13.89 2.37 19.19
CA ALA B 70 -13.74 2.67 20.60
C ALA B 70 -12.53 3.58 20.85
N ASP B 71 -11.41 3.40 20.12
CA ASP B 71 -10.23 4.26 20.33
C ASP B 71 -10.57 5.73 20.00
N LEU B 72 -11.43 5.93 19.02
CA LEU B 72 -11.81 7.29 18.60
C LEU B 72 -12.90 7.87 19.49
N GLY B 73 -13.46 7.01 20.36
CA GLY B 73 -14.52 7.42 21.26
C GLY B 73 -15.91 7.61 20.63
N ILE B 74 -16.14 6.89 19.54
CA ILE B 74 -17.40 6.97 18.83
C ILE B 74 -18.42 6.07 19.53
N LYS B 75 -19.63 6.57 19.75
CA LYS B 75 -20.67 5.78 20.44
C LYS B 75 -21.83 5.38 19.54
N LEU B 76 -22.06 6.17 18.49
CA LEU B 76 -23.15 5.94 17.56
C LEU B 76 -22.63 5.31 16.28
N PHE B 77 -23.17 4.14 15.94
CA PHE B 77 -22.75 3.46 14.73
C PHE B 77 -23.66 2.29 14.47
N PHE B 78 -23.60 1.76 13.26
CA PHE B 78 -24.36 0.59 12.85
C PHE B 78 -23.45 -0.16 11.88
N LEU B 79 -23.07 -1.37 12.25
CA LEU B 79 -22.17 -2.18 11.43
C LEU B 79 -22.84 -3.39 10.80
N GLY B 80 -22.27 -3.85 9.69
CA GLY B 80 -22.82 -4.98 9.00
C GLY B 80 -24.10 -4.58 8.29
N LYS B 81 -24.40 -3.29 8.31
CA LYS B 81 -25.61 -2.84 7.68
C LYS B 81 -25.38 -2.42 6.24
N LEU B 82 -26.03 -3.11 5.31
CA LEU B 82 -25.91 -2.77 3.90
C LEU B 82 -27.04 -1.78 3.56
N GLU B 83 -28.11 -1.77 4.35
CA GLU B 83 -29.21 -0.82 4.14
C GLU B 83 -28.84 0.37 5.02
N LYS B 84 -28.41 1.47 4.42
CA LYS B 84 -27.96 2.61 5.20
C LYS B 84 -28.90 3.80 5.33
N GLU B 85 -29.99 3.78 4.56
CA GLU B 85 -30.93 4.89 4.65
C GLU B 85 -31.49 4.99 6.05
N THR B 86 -32.18 3.93 6.48
CA THR B 86 -32.78 3.88 7.81
C THR B 86 -31.76 4.17 8.89
N ALA B 87 -30.62 3.50 8.79
CA ALA B 87 -29.52 3.66 9.74
C ALA B 87 -29.16 5.14 9.89
N CYS B 88 -28.99 5.84 8.77
CA CYS B 88 -28.66 7.25 8.87
C CYS B 88 -29.73 7.95 9.71
N PHE B 89 -31.00 7.72 9.37
CA PHE B 89 -32.07 8.36 10.13
C PHE B 89 -32.02 7.98 11.59
N ASP B 90 -31.75 6.70 11.87
CA ASP B 90 -31.69 6.28 13.26
C ASP B 90 -30.57 6.98 14.00
N LEU B 91 -29.41 7.03 13.38
CA LEU B 91 -28.28 7.70 14.01
C LEU B 91 -28.61 9.17 14.24
N MSE B 92 -29.31 9.76 13.29
CA MSE B 92 -29.67 11.17 13.41
C MSE B 92 -30.51 11.35 14.63
O MSE B 92 -30.33 12.32 15.38
CB MSE B 92 -30.44 11.64 12.18
CG MSE B 92 -29.54 11.78 11.00
SE MSE B 92 -30.50 12.44 9.57
CE MSE B 92 -30.06 11.14 8.21
N LYS B 93 -31.42 10.40 14.86
CA LYS B 93 -32.26 10.48 16.02
C LYS B 93 -31.40 10.32 17.27
N GLN B 94 -30.42 9.42 17.21
CA GLN B 94 -29.56 9.20 18.36
C GLN B 94 -28.69 10.39 18.72
N ALA B 95 -28.34 11.18 17.71
CA ALA B 95 -27.49 12.33 17.94
C ALA B 95 -28.25 13.58 18.32
N GLY B 96 -29.58 13.54 18.19
CA GLY B 96 -30.40 14.70 18.53
C GLY B 96 -30.25 15.81 17.49
N VAL B 97 -30.25 15.41 16.22
CA VAL B 97 -30.05 16.35 15.14
C VAL B 97 -30.91 16.01 13.97
N THR B 98 -30.89 16.89 12.97
CA THR B 98 -31.68 16.76 11.76
C THR B 98 -30.81 16.42 10.56
N ALA B 99 -31.45 15.85 9.53
CA ALA B 99 -30.75 15.49 8.30
C ALA B 99 -29.94 16.69 7.80
N GLU B 100 -30.42 17.89 8.13
CA GLU B 100 -29.74 19.10 7.69
C GLU B 100 -28.50 19.31 8.51
N GLN B 101 -28.54 18.86 9.75
CA GLN B 101 -27.39 19.02 10.62
C GLN B 101 -26.40 17.88 10.48
N THR B 102 -26.68 16.95 9.58
CA THR B 102 -25.79 15.80 9.44
C THR B 102 -25.13 15.60 8.08
N ALA B 103 -23.83 15.32 8.10
CA ALA B 103 -23.10 15.10 6.88
C ALA B 103 -22.77 13.62 6.83
N TYR B 104 -22.57 13.08 5.62
CA TYR B 104 -22.19 11.67 5.42
C TYR B 104 -21.07 11.57 4.39
N ILE B 105 -20.10 10.71 4.62
CA ILE B 105 -19.01 10.55 3.64
C ILE B 105 -18.96 9.09 3.21
N GLY B 106 -18.96 8.86 1.89
CA GLY B 106 -19.00 7.51 1.37
C GLY B 106 -18.07 7.23 0.21
N ASP B 107 -18.17 6.04 -0.40
CA ASP B 107 -17.29 5.66 -1.52
C ASP B 107 -17.86 4.68 -2.55
N ASP B 108 -19.02 4.09 -2.29
CA ASP B 108 -19.58 3.10 -3.24
C ASP B 108 -21.10 3.07 -3.19
N SER B 109 -21.67 2.33 -4.11
CA SER B 109 -23.10 2.16 -4.28
C SER B 109 -23.87 1.99 -2.99
N VAL B 110 -23.35 1.16 -2.10
CA VAL B 110 -24.02 0.91 -0.82
C VAL B 110 -24.29 2.21 -0.07
N ASP B 111 -23.52 3.24 -0.38
CA ASP B 111 -23.69 4.54 0.28
C ASP B 111 -24.73 5.44 -0.37
N LEU B 112 -25.16 5.08 -1.57
CA LEU B 112 -26.12 5.91 -2.26
C LEU B 112 -27.30 6.32 -1.38
N PRO B 113 -27.98 5.35 -0.71
CA PRO B 113 -29.12 5.73 0.13
C PRO B 113 -28.74 6.60 1.34
N ALA B 114 -27.48 6.52 1.75
CA ALA B 114 -26.99 7.29 2.88
C ALA B 114 -26.85 8.74 2.46
N PHE B 115 -26.41 8.95 1.22
CA PHE B 115 -26.22 10.30 0.67
C PHE B 115 -27.55 11.03 0.58
N ALA B 116 -28.56 10.30 0.13
CA ALA B 116 -29.91 10.86 -0.01
C ALA B 116 -30.55 11.18 1.33
N ALA B 117 -30.26 10.38 2.36
CA ALA B 117 -30.84 10.62 3.68
C ALA B 117 -30.20 11.74 4.49
N CYS B 118 -28.93 12.04 4.23
CA CYS B 118 -28.24 13.10 4.97
C CYS B 118 -28.20 14.43 4.23
N GLY B 119 -28.31 15.52 4.99
CA GLY B 119 -28.30 16.85 4.43
C GLY B 119 -27.11 17.11 3.53
N THR B 120 -25.93 16.74 4.01
CA THR B 120 -24.67 16.94 3.27
C THR B 120 -23.90 15.63 3.07
N SER B 121 -23.53 15.37 1.84
CA SER B 121 -22.81 14.16 1.50
C SER B 121 -21.52 14.40 0.77
N PHE B 122 -20.56 13.53 1.07
CA PHE B 122 -19.23 13.59 0.48
C PHE B 122 -18.86 12.27 -0.13
N ALA B 123 -17.98 12.33 -1.12
CA ALA B 123 -17.49 11.13 -1.74
C ALA B 123 -15.97 11.26 -1.70
N VAL B 124 -15.26 10.14 -1.54
CA VAL B 124 -13.79 10.17 -1.55
C VAL B 124 -13.36 10.25 -3.02
N ALA B 125 -12.13 10.69 -3.26
CA ALA B 125 -11.64 10.91 -4.62
C ALA B 125 -11.65 9.71 -5.58
N ASP B 126 -11.52 8.52 -5.02
CA ASP B 126 -11.48 7.36 -5.88
C ASP B 126 -12.84 6.70 -6.03
N ALA B 127 -13.88 7.35 -5.55
CA ALA B 127 -15.19 6.75 -5.69
C ALA B 127 -15.60 6.68 -7.15
N PRO B 128 -16.45 5.70 -7.48
CA PRO B 128 -16.98 5.47 -8.83
C PRO B 128 -17.70 6.75 -9.25
N ILE B 129 -17.66 7.05 -10.55
CA ILE B 129 -18.32 8.26 -11.07
C ILE B 129 -19.79 8.23 -10.67
N TYR B 130 -20.39 7.04 -10.59
CA TYR B 130 -21.79 6.97 -10.22
C TYR B 130 -22.02 7.23 -8.73
N VAL B 131 -20.94 7.41 -8.00
CA VAL B 131 -21.06 7.73 -6.59
C VAL B 131 -20.80 9.20 -6.48
N LYS B 132 -19.84 9.67 -7.28
CA LYS B 132 -19.48 11.07 -7.26
C LYS B 132 -20.62 11.91 -7.75
N ASN B 133 -21.35 11.41 -8.75
CA ASN B 133 -22.49 12.13 -9.28
C ASN B 133 -23.52 12.38 -8.23
N ALA B 134 -23.55 11.50 -7.24
CA ALA B 134 -24.56 11.59 -6.20
C ALA B 134 -24.24 12.34 -4.92
N VAL B 135 -23.07 12.96 -4.81
CA VAL B 135 -22.77 13.63 -3.55
C VAL B 135 -22.72 15.14 -3.67
N ASP B 136 -22.83 15.80 -2.53
CA ASP B 136 -22.80 17.25 -2.47
C ASP B 136 -21.39 17.74 -2.76
N HIS B 137 -20.39 16.96 -2.33
CA HIS B 137 -18.99 17.33 -2.52
C HIS B 137 -18.03 16.14 -2.71
N VAL B 138 -17.18 16.23 -3.73
CA VAL B 138 -16.21 15.16 -3.95
C VAL B 138 -14.86 15.61 -3.37
N LEU B 139 -14.37 14.87 -2.39
CA LEU B 139 -13.10 15.16 -1.77
C LEU B 139 -11.97 14.91 -2.77
N SER B 140 -10.79 15.44 -2.52
CA SER B 140 -9.66 15.23 -3.42
C SER B 140 -8.71 14.13 -2.91
N THR B 141 -8.92 13.68 -1.69
CA THR B 141 -8.09 12.65 -1.11
C THR B 141 -8.73 11.29 -1.29
N HIS B 142 -7.95 10.28 -1.69
CA HIS B 142 -8.48 8.91 -1.86
C HIS B 142 -8.91 8.34 -0.50
N GLY B 143 -9.83 7.37 -0.50
CA GLY B 143 -10.23 6.78 0.75
C GLY B 143 -8.98 6.21 1.42
N GLY B 144 -8.90 6.31 2.73
CA GLY B 144 -7.74 5.74 3.39
C GLY B 144 -6.50 6.62 3.31
N LYS B 145 -6.60 7.73 2.60
CA LYS B 145 -5.45 8.60 2.47
C LYS B 145 -5.66 9.88 3.27
N GLY B 146 -6.74 9.93 4.03
CA GLY B 146 -7.02 11.12 4.82
C GLY B 146 -8.18 11.95 4.31
N ALA B 147 -9.07 11.29 3.58
CA ALA B 147 -10.25 11.93 3.02
C ALA B 147 -11.20 12.41 4.12
N PHE B 148 -11.30 11.64 5.20
CA PHE B 148 -12.15 12.10 6.27
C PHE B 148 -11.57 13.42 6.82
N ARG B 149 -10.27 13.43 7.06
CA ARG B 149 -9.60 14.61 7.60
C ARG B 149 -9.80 15.82 6.70
N GLU B 150 -9.73 15.61 5.40
CA GLU B 150 -9.94 16.70 4.46
C GLU B 150 -11.35 17.28 4.70
N MSE B 151 -12.34 16.41 4.89
CA MSE B 151 -13.69 16.87 5.15
C MSE B 151 -13.79 17.56 6.52
O MSE B 151 -14.36 18.64 6.65
CB MSE B 151 -14.66 15.71 5.10
CG MSE B 151 -16.00 16.02 5.72
SE MSE B 151 -17.05 14.38 5.84
CE MSE B 151 -18.61 15.07 6.75
N SER B 152 -13.25 16.91 7.54
CA SER B 152 -13.32 17.49 8.86
C SER B 152 -12.71 18.89 8.85
N ASP B 153 -11.59 19.07 8.17
CA ASP B 153 -11.01 20.39 8.15
C ASP B 153 -11.99 21.40 7.51
N MSE B 154 -12.59 21.04 6.37
CA MSE B 154 -13.57 21.92 5.72
C MSE B 154 -14.68 22.36 6.68
O MSE B 154 -14.98 23.55 6.80
CB MSE B 154 -14.24 21.23 4.56
CG MSE B 154 -13.39 21.13 3.34
SE MSE B 154 -14.38 20.11 2.07
CE MSE B 154 -13.02 18.88 1.56
N ILE B 155 -15.30 21.39 7.32
CA ILE B 155 -16.36 21.69 8.26
C ILE B 155 -15.86 22.70 9.31
N LEU B 156 -14.94 22.27 10.17
CA LEU B 156 -14.39 23.15 11.20
C LEU B 156 -14.03 24.51 10.65
N GLN B 157 -13.42 24.53 9.47
CA GLN B 157 -13.02 25.77 8.86
C GLN B 157 -14.28 26.63 8.73
N ALA B 158 -15.24 26.14 7.94
CA ALA B 158 -16.50 26.82 7.70
C ALA B 158 -17.18 27.34 8.98
N GLN B 159 -16.91 26.69 10.10
CA GLN B 159 -17.51 27.08 11.35
C GLN B 159 -16.65 28.02 12.18
N GLY B 160 -15.49 28.39 11.65
CA GLY B 160 -14.62 29.28 12.38
C GLY B 160 -13.95 28.60 13.54
N LYS B 161 -13.58 27.33 13.35
CA LYS B 161 -12.93 26.59 14.42
C LYS B 161 -11.59 25.98 13.96
N SER B 162 -11.12 26.40 12.80
CA SER B 162 -9.88 25.89 12.26
C SER B 162 -8.70 26.04 13.20
N SER B 163 -8.82 26.92 14.17
CA SER B 163 -7.71 27.12 15.10
C SER B 163 -7.12 25.84 15.70
N VAL B 164 -7.96 24.82 15.95
CA VAL B 164 -7.46 23.54 16.51
C VAL B 164 -6.45 22.85 15.62
N PHE B 165 -6.68 22.85 14.31
CA PHE B 165 -5.71 22.23 13.42
C PHE B 165 -4.81 23.28 12.75
N ASP B 166 -5.24 24.54 12.81
CA ASP B 166 -4.57 25.68 12.19
C ASP B 166 -3.33 26.22 12.84
N THR B 167 -3.36 26.30 14.17
CA THR B 167 -2.25 26.85 14.92
C THR B 167 -1.82 26.00 16.09
N ALA B 168 -0.60 26.25 16.51
CA ALA B 168 -0.04 25.55 17.63
C ALA B 168 -0.95 25.86 18.81
N GLN B 169 -1.20 27.14 19.07
CA GLN B 169 -2.04 27.44 20.23
C GLN B 169 -3.40 26.73 20.22
N GLY B 170 -4.15 26.84 19.12
CA GLY B 170 -5.43 26.18 19.04
C GLY B 170 -5.26 24.69 19.31
N PHE B 171 -4.20 24.08 18.76
CA PHE B 171 -4.01 22.65 19.01
C PHE B 171 -3.83 22.33 20.47
N LEU B 172 -2.82 22.94 21.10
CA LEU B 172 -2.58 22.70 22.52
C LEU B 172 -3.85 22.88 23.35
N LYS B 173 -4.59 23.96 23.08
CA LYS B 173 -5.83 24.24 23.82
C LYS B 173 -6.76 23.02 23.86
N SER B 174 -6.79 22.27 22.78
CA SER B 174 -7.64 21.09 22.70
C SER B 174 -6.85 19.79 22.78
N VAL B 175 -5.53 19.88 22.91
CA VAL B 175 -4.62 18.72 22.94
C VAL B 175 -5.08 17.55 23.80
N LYS B 176 -5.92 17.81 24.81
CA LYS B 176 -6.39 16.73 25.68
C LYS B 176 -7.51 15.87 25.08
N SER B 177 -8.06 16.31 23.96
CA SER B 177 -9.14 15.59 23.27
C SER B 177 -8.70 15.12 21.86
N MSE B 178 -7.40 15.03 21.61
CA MSE B 178 -6.89 14.67 20.30
C MSE B 178 -6.44 13.21 20.14
O MSE B 178 -6.12 12.74 19.02
CB MSE B 178 -5.75 15.61 19.94
CG MSE B 178 -6.14 17.08 19.93
SE MSE B 178 -7.47 17.51 18.57
CE MSE B 178 -9.10 17.38 19.57
N GLY B 179 -6.42 12.49 21.25
CA GLY B 179 -5.99 11.12 21.23
C GLY B 179 -6.92 10.21 20.47
N GLN B 180 -6.31 9.22 19.83
CA GLN B 180 -7.05 8.25 19.05
C GLN B 180 -6.40 6.92 19.31
N MSE C 1 23.37 -2.78 -25.03
CA MSE C 1 23.24 -3.62 -23.79
C MSE C 1 22.60 -4.99 -24.06
O MSE C 1 22.56 -5.85 -23.17
CB MSE C 1 22.41 -2.86 -22.75
CG MSE C 1 22.44 -3.48 -21.38
SE MSE C 1 21.68 -2.32 -20.07
CE MSE C 1 19.86 -2.78 -20.39
N GLN C 2 22.08 -5.19 -25.26
CA GLN C 2 21.49 -6.47 -25.60
C GLN C 2 22.58 -7.52 -25.40
N GLN C 3 23.82 -7.08 -25.60
CA GLN C 3 24.99 -7.93 -25.45
C GLN C 3 25.05 -8.41 -24.00
N LYS C 4 25.14 -7.46 -23.07
CA LYS C 4 25.18 -7.79 -21.65
C LYS C 4 24.02 -8.73 -21.34
N LEU C 5 22.80 -8.29 -21.65
CA LEU C 5 21.62 -9.12 -21.38
C LEU C 5 21.74 -10.56 -21.90
N GLU C 6 22.34 -10.72 -23.07
CA GLU C 6 22.52 -12.06 -23.66
C GLU C 6 23.58 -12.89 -22.94
N ASN C 7 24.53 -12.24 -22.24
CA ASN C 7 25.57 -12.96 -21.53
C ASN C 7 25.16 -13.39 -20.14
N ILE C 8 24.01 -12.91 -19.69
CA ILE C 8 23.57 -13.21 -18.35
C ILE C 8 23.17 -14.63 -18.08
N LYS C 9 23.93 -15.29 -17.22
CA LYS C 9 23.60 -16.65 -16.86
C LYS C 9 23.34 -16.63 -15.37
N PHE C 10 23.36 -15.44 -14.79
CA PHE C 10 23.18 -15.30 -13.35
C PHE C 10 22.65 -13.94 -12.91
N VAL C 11 21.58 -13.96 -12.10
CA VAL C 11 20.96 -12.76 -11.56
C VAL C 11 21.03 -12.75 -10.03
N ILE C 12 21.44 -11.62 -9.48
CA ILE C 12 21.55 -11.44 -8.03
C ILE C 12 20.64 -10.27 -7.70
N THR C 13 19.62 -10.51 -6.88
CA THR C 13 18.69 -9.44 -6.54
C THR C 13 18.70 -9.00 -5.08
N ASP C 14 18.50 -7.71 -4.86
CA ASP C 14 18.42 -7.21 -3.51
C ASP C 14 16.97 -7.52 -3.09
N VAL C 15 16.66 -7.40 -1.80
CA VAL C 15 15.30 -7.67 -1.38
C VAL C 15 14.49 -6.40 -1.09
N ASP C 16 14.78 -5.75 0.03
CA ASP C 16 14.03 -4.57 0.39
C ASP C 16 14.31 -3.42 -0.55
N GLY C 17 13.27 -3.01 -1.25
CA GLY C 17 13.45 -1.91 -2.18
C GLY C 17 13.39 -2.39 -3.60
N VAL C 18 13.69 -3.67 -3.83
CA VAL C 18 13.59 -4.24 -5.18
C VAL C 18 12.42 -5.21 -5.23
N LEU C 19 12.52 -6.29 -4.46
CA LEU C 19 11.44 -7.29 -4.42
C LEU C 19 10.29 -6.81 -3.55
N THR C 20 10.50 -5.70 -2.85
CA THR C 20 9.46 -5.07 -2.03
C THR C 20 9.63 -3.58 -2.25
N ASP C 21 8.63 -2.81 -1.82
CA ASP C 21 8.68 -1.38 -1.96
C ASP C 21 9.50 -0.66 -0.91
N GLY C 22 10.29 -1.39 -0.14
CA GLY C 22 11.10 -0.75 0.88
C GLY C 22 10.47 -0.70 2.26
N GLN C 23 9.18 -1.04 2.34
CA GLN C 23 8.51 -1.05 3.64
C GLN C 23 8.95 -2.26 4.45
N LEU C 24 9.18 -2.03 5.74
CA LEU C 24 9.56 -3.05 6.69
C LEU C 24 8.34 -3.05 7.63
N HIS C 25 7.59 -4.15 7.63
CA HIS C 25 6.37 -4.23 8.44
C HIS C 25 6.71 -4.85 9.77
N TYR C 26 6.86 -3.98 10.75
CA TYR C 26 7.22 -4.34 12.11
C TYR C 26 6.09 -4.78 13.01
N ASP C 27 6.47 -5.73 13.87
CA ASP C 27 5.70 -6.36 14.94
C ASP C 27 6.47 -5.77 16.10
N ALA C 28 6.13 -6.17 17.31
CA ALA C 28 6.89 -5.73 18.45
C ALA C 28 8.21 -6.55 18.36
N ASN C 29 8.20 -7.59 17.53
CA ASN C 29 9.36 -8.46 17.37
C ASN C 29 10.16 -8.26 16.09
N GLY C 30 10.05 -7.09 15.47
CA GLY C 30 10.76 -6.83 14.23
C GLY C 30 9.88 -7.09 13.02
N GLU C 31 10.48 -7.45 11.90
CA GLU C 31 9.69 -7.66 10.69
C GLU C 31 8.69 -8.75 10.96
N ALA C 32 7.43 -8.45 10.71
CA ALA C 32 6.36 -9.41 10.91
C ALA C 32 5.74 -9.82 9.55
N ILE C 33 5.94 -8.97 8.54
CA ILE C 33 5.37 -9.24 7.23
C ILE C 33 6.29 -8.72 6.17
N LYS C 34 6.47 -9.51 5.12
CA LYS C 34 7.25 -9.05 3.98
C LYS C 34 6.35 -9.40 2.82
N SER C 35 6.12 -8.42 1.97
CA SER C 35 5.27 -8.57 0.81
C SER C 35 6.11 -8.84 -0.40
N PHE C 36 5.75 -9.88 -1.15
CA PHE C 36 6.46 -10.19 -2.37
C PHE C 36 5.45 -10.22 -3.51
N HIS C 37 5.84 -9.75 -4.68
CA HIS C 37 4.91 -9.72 -5.79
C HIS C 37 4.90 -11.03 -6.57
N VAL C 38 3.70 -11.60 -6.78
CA VAL C 38 3.58 -12.87 -7.51
C VAL C 38 4.24 -12.79 -8.88
N ARG C 39 4.11 -11.65 -9.53
CA ARG C 39 4.66 -11.57 -10.87
C ARG C 39 6.17 -11.57 -10.86
N ASP C 40 6.77 -11.18 -9.75
CA ASP C 40 8.22 -11.23 -9.64
C ASP C 40 8.60 -12.70 -9.41
N GLY C 41 7.78 -13.42 -8.66
CA GLY C 41 8.09 -14.82 -8.39
C GLY C 41 8.15 -15.64 -9.68
N LEU C 42 7.13 -15.43 -10.50
CA LEU C 42 6.98 -16.11 -11.77
C LEU C 42 8.23 -15.82 -12.57
N GLY C 43 8.66 -14.57 -12.59
CA GLY C 43 9.84 -14.23 -13.34
C GLY C 43 11.12 -14.88 -12.84
N ILE C 44 11.18 -15.11 -11.54
CA ILE C 44 12.37 -15.71 -11.01
C ILE C 44 12.49 -17.14 -11.50
N LYS C 45 11.37 -17.83 -11.54
CA LYS C 45 11.27 -19.23 -11.98
C LYS C 45 11.59 -19.39 -13.46
N MSE C 46 11.02 -18.50 -14.26
CA MSE C 46 11.23 -18.51 -15.68
C MSE C 46 12.73 -18.37 -15.95
O MSE C 46 13.25 -19.05 -16.81
CB MSE C 46 10.45 -17.38 -16.36
CG MSE C 46 8.98 -17.41 -16.06
SE MSE C 46 8.02 -15.86 -16.74
CE MSE C 46 9.52 -14.92 -17.44
N LEU C 47 13.42 -17.48 -15.22
CA LEU C 47 14.88 -17.34 -15.43
C LEU C 47 15.53 -18.68 -15.16
N MSE C 48 15.13 -19.27 -14.03
CA MSE C 48 15.67 -20.56 -13.61
C MSE C 48 15.39 -21.62 -14.65
O MSE C 48 16.30 -22.35 -15.08
CB MSE C 48 15.07 -20.96 -12.24
CG MSE C 48 15.28 -19.88 -11.21
SE MSE C 48 14.75 -20.43 -9.47
CE MSE C 48 16.53 -20.65 -8.84
N ASP C 49 14.13 -21.69 -15.06
CA ASP C 49 13.68 -22.59 -16.09
C ASP C 49 14.50 -22.36 -17.37
N ALA C 50 15.05 -21.15 -17.53
CA ALA C 50 15.84 -20.79 -18.72
C ALA C 50 17.35 -20.93 -18.54
N ASP C 51 17.77 -21.73 -17.57
CA ASP C 51 19.18 -21.94 -17.30
C ASP C 51 19.88 -20.70 -16.75
N ILE C 52 19.11 -19.74 -16.25
CA ILE C 52 19.70 -18.53 -15.67
C ILE C 52 19.50 -18.65 -14.18
N GLN C 53 20.61 -18.71 -13.45
CA GLN C 53 20.55 -18.84 -12.03
C GLN C 53 20.18 -17.56 -11.31
N VAL C 54 19.51 -17.71 -10.18
CA VAL C 54 19.10 -16.55 -9.42
C VAL C 54 19.60 -16.61 -7.99
N ALA C 55 20.07 -15.48 -7.52
CA ALA C 55 20.53 -15.38 -6.16
C ALA C 55 19.94 -14.14 -5.49
N VAL C 56 19.87 -14.18 -4.17
CA VAL C 56 19.34 -13.09 -3.35
C VAL C 56 20.45 -12.55 -2.45
N LEU C 57 20.53 -11.23 -2.32
CA LEU C 57 21.53 -10.63 -1.49
C LEU C 57 20.83 -9.47 -0.85
N SER C 58 20.34 -9.68 0.37
CA SER C 58 19.64 -8.63 1.10
C SER C 58 20.51 -8.01 2.16
N GLY C 59 20.20 -6.77 2.50
CA GLY C 59 20.95 -6.07 3.53
C GLY C 59 20.38 -6.50 4.88
N ARG C 60 19.20 -7.13 4.85
CA ARG C 60 18.54 -7.60 6.05
C ARG C 60 18.27 -9.12 5.96
N ASP C 61 18.10 -9.74 7.12
CA ASP C 61 17.89 -11.17 7.18
C ASP C 61 16.67 -11.43 8.05
N SER C 62 15.75 -12.24 7.56
CA SER C 62 14.59 -12.55 8.36
C SER C 62 14.21 -13.93 7.95
N PRO C 63 13.48 -14.61 8.82
CA PRO C 63 13.06 -15.97 8.48
C PRO C 63 11.95 -15.91 7.43
N ILE C 64 11.27 -14.77 7.39
CA ILE C 64 10.17 -14.54 6.46
C ILE C 64 10.80 -14.55 5.08
N LEU C 65 11.89 -13.82 4.96
CA LEU C 65 12.58 -13.74 3.69
C LEU C 65 13.15 -15.10 3.35
N ARG C 66 13.71 -15.78 4.34
CA ARG C 66 14.29 -17.10 4.07
C ARG C 66 13.23 -18.08 3.58
N ARG C 67 11.99 -17.90 4.04
CA ARG C 67 10.91 -18.79 3.63
C ARG C 67 10.54 -18.47 2.18
N ARG C 68 10.53 -17.19 1.82
CA ARG C 68 10.17 -16.82 0.45
C ARG C 68 11.21 -17.38 -0.53
N ILE C 69 12.48 -17.21 -0.18
CA ILE C 69 13.60 -17.71 -0.98
C ILE C 69 13.43 -19.22 -1.22
N ALA C 70 13.11 -19.97 -0.17
CA ALA C 70 12.92 -21.40 -0.30
C ALA C 70 11.73 -21.73 -1.20
N ASP C 71 10.63 -20.99 -1.04
CA ASP C 71 9.43 -21.20 -1.83
C ASP C 71 9.73 -21.08 -3.33
N LEU C 72 10.53 -20.10 -3.67
CA LEU C 72 10.93 -19.84 -5.04
C LEU C 72 11.96 -20.85 -5.56
N GLY C 73 12.58 -21.61 -4.66
CA GLY C 73 13.57 -22.58 -5.09
C GLY C 73 14.93 -21.95 -5.39
N ILE C 74 15.23 -20.84 -4.72
CA ILE C 74 16.49 -20.12 -4.88
C ILE C 74 17.50 -20.74 -3.91
N LYS C 75 18.65 -21.20 -4.42
CA LYS C 75 19.64 -21.81 -3.53
C LYS C 75 20.83 -20.93 -3.16
N LEU C 76 21.15 -19.99 -4.04
CA LEU C 76 22.28 -19.09 -3.83
C LEU C 76 21.87 -17.71 -3.24
N PHE C 77 22.46 -17.31 -2.11
CA PHE C 77 22.10 -16.02 -1.49
C PHE C 77 22.89 -15.63 -0.26
N PHE C 78 22.74 -14.38 0.14
CA PHE C 78 23.40 -13.87 1.34
C PHE C 78 22.47 -12.85 1.97
N LEU C 79 22.24 -12.98 3.27
CA LEU C 79 21.35 -12.06 3.94
C LEU C 79 22.04 -11.26 5.05
N GLY C 80 21.46 -10.12 5.41
CA GLY C 80 22.05 -9.31 6.46
C GLY C 80 23.36 -8.69 6.04
N LYS C 81 23.64 -8.78 4.75
CA LYS C 81 24.87 -8.21 4.22
C LYS C 81 24.74 -6.74 3.84
N LEU C 82 25.46 -5.87 4.53
CA LEU C 82 25.45 -4.47 4.14
C LEU C 82 26.69 -4.24 3.22
N GLU C 83 27.67 -5.16 3.26
CA GLU C 83 28.88 -5.09 2.40
C GLU C 83 28.57 -6.05 1.26
N LYS C 84 28.05 -5.52 0.15
CA LYS C 84 27.66 -6.36 -0.98
C LYS C 84 28.68 -6.74 -2.05
N GLU C 85 29.83 -6.07 -2.09
CA GLU C 85 30.88 -6.38 -3.07
C GLU C 85 31.31 -7.87 -2.87
N THR C 86 32.02 -8.12 -1.76
CA THR C 86 32.46 -9.47 -1.43
C THR C 86 31.34 -10.47 -1.62
N ALA C 87 30.14 -10.09 -1.21
CA ALA C 87 28.96 -10.95 -1.33
C ALA C 87 28.73 -11.29 -2.80
N CYS C 88 28.83 -10.28 -3.66
CA CYS C 88 28.62 -10.50 -5.08
C CYS C 88 29.66 -11.44 -5.68
N PHE C 89 30.93 -11.25 -5.34
CA PHE C 89 31.97 -12.12 -5.86
C PHE C 89 31.80 -13.57 -5.39
N ASP C 90 31.44 -13.77 -4.12
CA ASP C 90 31.28 -15.14 -3.60
C ASP C 90 30.18 -15.84 -4.37
N LEU C 91 29.03 -15.17 -4.49
CA LEU C 91 27.88 -15.70 -5.20
C LEU C 91 28.22 -16.10 -6.60
N MSE C 92 28.97 -15.27 -7.31
CA MSE C 92 29.35 -15.60 -8.67
C MSE C 92 30.14 -16.90 -8.67
O MSE C 92 29.81 -17.83 -9.42
CB MSE C 92 30.20 -14.48 -9.25
CG MSE C 92 29.39 -13.30 -9.66
SE MSE C 92 30.46 -11.91 -10.29
CE MSE C 92 30.68 -10.92 -8.67
N LYS C 93 31.14 -16.96 -7.81
CA LYS C 93 31.98 -18.15 -7.69
C LYS C 93 31.07 -19.35 -7.48
N GLN C 94 30.13 -19.24 -6.56
CA GLN C 94 29.21 -20.33 -6.27
C GLN C 94 28.37 -20.76 -7.45
N ALA C 95 28.09 -19.81 -8.34
CA ALA C 95 27.27 -20.07 -9.51
C ALA C 95 28.09 -20.55 -10.68
N GLY C 96 29.41 -20.48 -10.51
CA GLY C 96 30.32 -20.92 -11.56
C GLY C 96 30.12 -20.02 -12.77
N VAL C 97 30.29 -18.72 -12.55
CA VAL C 97 30.10 -17.71 -13.58
C VAL C 97 30.98 -16.49 -13.30
N THR C 98 31.09 -15.60 -14.28
CA THR C 98 31.92 -14.41 -14.15
C THR C 98 31.10 -13.15 -13.88
N ALA C 99 31.78 -12.08 -13.48
CA ALA C 99 31.10 -10.83 -13.22
C ALA C 99 30.42 -10.41 -14.52
N GLU C 100 30.96 -10.92 -15.61
CA GLU C 100 30.49 -10.64 -16.95
C GLU C 100 29.18 -11.32 -17.28
N GLN C 101 28.89 -12.43 -16.61
CA GLN C 101 27.67 -13.13 -16.93
C GLN C 101 26.59 -12.97 -15.89
N THR C 102 26.81 -12.03 -14.97
CA THR C 102 25.84 -11.80 -13.90
C THR C 102 25.31 -10.36 -13.76
N ALA C 103 24.03 -10.28 -13.48
CA ALA C 103 23.32 -9.03 -13.32
C ALA C 103 22.95 -8.79 -11.85
N TYR C 104 22.71 -7.54 -11.51
CA TYR C 104 22.34 -7.18 -10.16
C TYR C 104 21.31 -6.07 -10.18
N ILE C 105 20.22 -6.26 -9.44
CA ILE C 105 19.18 -5.24 -9.38
C ILE C 105 19.12 -4.74 -7.93
N GLY C 106 19.30 -3.43 -7.77
CA GLY C 106 19.30 -2.80 -6.47
C GLY C 106 18.41 -1.57 -6.34
N ASP C 107 18.51 -0.87 -5.22
CA ASP C 107 17.68 0.31 -4.98
C ASP C 107 18.31 1.41 -4.14
N ASP C 108 19.24 1.08 -3.26
CA ASP C 108 19.86 2.10 -2.40
C ASP C 108 21.41 2.00 -2.31
N SER C 109 22.02 2.98 -1.62
CA SER C 109 23.48 3.07 -1.46
C SER C 109 24.17 1.79 -1.13
N VAL C 110 23.51 0.93 -0.38
CA VAL C 110 24.07 -0.36 0.02
C VAL C 110 24.37 -1.17 -1.22
N ASP C 111 23.60 -0.92 -2.27
CA ASP C 111 23.73 -1.65 -3.52
C ASP C 111 24.81 -1.14 -4.46
N LEU C 112 25.36 0.03 -4.14
CA LEU C 112 26.42 0.64 -4.95
C LEU C 112 27.60 -0.32 -5.18
N PRO C 113 28.16 -0.92 -4.10
CA PRO C 113 29.29 -1.82 -4.39
C PRO C 113 28.93 -3.11 -5.10
N ALA C 114 27.66 -3.49 -5.06
CA ALA C 114 27.23 -4.68 -5.77
C ALA C 114 27.21 -4.34 -7.25
N PHE C 115 26.81 -3.10 -7.55
CA PHE C 115 26.70 -2.60 -8.92
C PHE C 115 28.07 -2.71 -9.57
N ALA C 116 29.04 -2.09 -8.93
CA ALA C 116 30.42 -2.09 -9.38
C ALA C 116 30.93 -3.50 -9.59
N ALA C 117 30.55 -4.42 -8.71
CA ALA C 117 31.03 -5.80 -8.84
C ALA C 117 30.40 -6.59 -9.95
N CYS C 118 29.12 -6.34 -10.21
CA CYS C 118 28.44 -7.08 -11.27
C CYS C 118 28.51 -6.46 -12.66
N GLY C 119 28.59 -7.34 -13.65
CA GLY C 119 28.66 -6.90 -15.03
C GLY C 119 27.55 -5.93 -15.31
N THR C 120 26.32 -6.44 -15.37
CA THR C 120 25.16 -5.62 -15.65
C THR C 120 24.47 -5.26 -14.33
N SER C 121 23.97 -4.04 -14.23
CA SER C 121 23.28 -3.61 -13.00
C SER C 121 21.99 -2.84 -13.31
N PHE C 122 20.98 -3.10 -12.49
CA PHE C 122 19.69 -2.46 -12.65
C PHE C 122 19.25 -1.76 -11.36
N ALA C 123 18.45 -0.70 -11.49
CA ALA C 123 17.92 0.04 -10.37
C ALA C 123 16.40 0.08 -10.50
N VAL C 124 15.67 -0.02 -9.39
CA VAL C 124 14.21 0.06 -9.51
C VAL C 124 13.84 1.52 -9.78
N ALA C 125 12.63 1.76 -10.26
CA ALA C 125 12.17 3.12 -10.58
C ALA C 125 12.26 4.16 -9.44
N ASP C 126 12.04 3.72 -8.20
CA ASP C 126 12.06 4.65 -7.06
C ASP C 126 13.40 4.79 -6.37
N ALA C 127 14.45 4.25 -6.97
CA ALA C 127 15.77 4.35 -6.37
C ALA C 127 16.26 5.79 -6.33
N PRO C 128 17.06 6.12 -5.33
CA PRO C 128 17.52 7.50 -5.30
C PRO C 128 18.36 7.82 -6.52
N ILE C 129 18.51 9.09 -6.78
CA ILE C 129 19.26 9.61 -7.91
C ILE C 129 20.70 9.08 -8.01
N TYR C 130 21.36 8.89 -6.87
CA TYR C 130 22.71 8.43 -6.88
C TYR C 130 22.82 6.92 -7.11
N VAL C 131 21.69 6.24 -7.17
CA VAL C 131 21.75 4.80 -7.41
C VAL C 131 21.44 4.64 -8.89
N LYS C 132 20.50 5.45 -9.36
CA LYS C 132 20.12 5.42 -10.74
C LYS C 132 21.32 5.78 -11.62
N ASN C 133 22.14 6.73 -11.16
CA ASN C 133 23.28 7.16 -11.92
C ASN C 133 24.37 6.13 -12.01
N ALA C 134 24.33 5.13 -11.12
CA ALA C 134 25.38 4.10 -11.10
C ALA C 134 25.04 2.71 -11.63
N VAL C 135 23.97 2.58 -12.39
CA VAL C 135 23.61 1.29 -12.94
C VAL C 135 23.63 1.36 -14.47
N ASP C 136 23.34 0.24 -15.13
CA ASP C 136 23.33 0.22 -16.58
C ASP C 136 21.90 0.47 -17.04
N HIS C 137 20.93 0.06 -16.25
CA HIS C 137 19.55 0.27 -16.64
C HIS C 137 18.59 0.55 -15.50
N VAL C 138 17.95 1.71 -15.55
CA VAL C 138 16.96 2.09 -14.54
C VAL C 138 15.63 1.54 -15.05
N LEU C 139 15.01 0.68 -14.27
CA LEU C 139 13.74 0.09 -14.66
C LEU C 139 12.60 1.08 -14.43
N SER C 140 11.47 0.81 -15.07
CA SER C 140 10.32 1.69 -14.96
C SER C 140 9.35 1.25 -13.86
N THR C 141 9.49 0.01 -13.39
CA THR C 141 8.63 -0.49 -12.33
C THR C 141 9.26 -0.16 -10.97
N HIS C 142 8.45 0.30 -10.04
CA HIS C 142 8.95 0.63 -8.71
C HIS C 142 9.30 -0.63 -7.90
N GLY C 143 10.10 -0.45 -6.85
CA GLY C 143 10.45 -1.58 -6.00
C GLY C 143 9.16 -2.20 -5.47
N GLY C 144 9.08 -3.54 -5.50
CA GLY C 144 7.89 -4.19 -5.01
C GLY C 144 6.69 -4.17 -5.92
N LYS C 145 6.81 -3.54 -7.08
CA LYS C 145 5.68 -3.52 -7.99
C LYS C 145 5.91 -4.45 -9.20
N GLY C 146 6.95 -5.28 -9.13
CA GLY C 146 7.24 -6.17 -10.24
C GLY C 146 8.44 -5.73 -11.06
N ALA C 147 9.36 -5.00 -10.42
CA ALA C 147 10.56 -4.52 -11.09
C ALA C 147 11.49 -5.68 -11.46
N PHE C 148 11.45 -6.76 -10.68
CA PHE C 148 12.31 -7.91 -11.00
C PHE C 148 11.76 -8.56 -12.28
N ARG C 149 10.45 -8.72 -12.33
CA ARG C 149 9.82 -9.32 -13.48
C ARG C 149 10.08 -8.49 -14.71
N GLU C 150 10.18 -7.17 -14.54
CA GLU C 150 10.43 -6.29 -15.67
C GLU C 150 11.82 -6.63 -16.21
N MSE C 151 12.74 -6.90 -15.30
CA MSE C 151 14.10 -7.23 -15.67
C MSE C 151 14.17 -8.64 -16.23
O MSE C 151 14.63 -8.85 -17.34
CB MSE C 151 15.03 -7.08 -14.48
CG MSE C 151 16.45 -7.54 -14.73
SE MSE C 151 17.36 -7.87 -13.08
CE MSE C 151 16.49 -9.51 -12.57
N SER C 152 13.72 -9.63 -15.47
CA SER C 152 13.79 -10.99 -15.99
C SER C 152 13.12 -11.06 -17.36
N ASP C 153 12.11 -10.23 -17.60
CA ASP C 153 11.45 -10.24 -18.90
C ASP C 153 12.44 -9.75 -19.94
N MSE C 154 13.16 -8.67 -19.64
CA MSE C 154 14.15 -8.17 -20.58
C MSE C 154 15.18 -9.22 -20.88
O MSE C 154 15.54 -9.42 -22.03
CB MSE C 154 14.90 -6.98 -19.99
CG MSE C 154 14.30 -5.65 -20.28
SE MSE C 154 14.97 -4.46 -18.99
CE MSE C 154 16.63 -3.97 -19.79
N ILE C 155 15.68 -9.87 -19.83
CA ILE C 155 16.70 -10.90 -19.98
C ILE C 155 16.27 -12.05 -20.87
N LEU C 156 15.11 -12.63 -20.61
CA LEU C 156 14.64 -13.72 -21.42
C LEU C 156 14.37 -13.26 -22.84
N GLN C 157 13.69 -12.13 -22.98
CA GLN C 157 13.39 -11.56 -24.29
C GLN C 157 14.69 -11.52 -25.10
N ALA C 158 15.72 -10.87 -24.56
CA ALA C 158 17.01 -10.74 -25.23
C ALA C 158 17.76 -12.06 -25.52
N GLN C 159 17.27 -13.16 -25.00
CA GLN C 159 17.92 -14.44 -25.21
C GLN C 159 16.98 -15.34 -25.98
N GLY C 160 16.07 -14.69 -26.70
CA GLY C 160 15.08 -15.37 -27.53
C GLY C 160 14.20 -16.36 -26.79
N LYS C 161 14.05 -16.17 -25.48
CA LYS C 161 13.26 -17.11 -24.68
C LYS C 161 11.99 -16.52 -24.09
N SER C 162 11.41 -15.53 -24.76
CA SER C 162 10.21 -14.90 -24.23
C SER C 162 8.90 -15.65 -24.41
N SER C 163 8.89 -16.70 -25.23
CA SER C 163 7.64 -17.44 -25.43
C SER C 163 7.08 -17.99 -24.12
N VAL C 164 7.97 -18.16 -23.14
CA VAL C 164 7.61 -18.65 -21.81
C VAL C 164 6.57 -17.76 -21.11
N PHE C 165 6.65 -16.46 -21.37
CA PHE C 165 5.70 -15.50 -20.82
C PHE C 165 4.91 -14.78 -21.90
N ASP C 166 5.39 -14.89 -23.14
CA ASP C 166 4.77 -14.29 -24.34
C ASP C 166 3.48 -14.94 -24.74
N THR C 167 3.37 -16.25 -24.56
CA THR C 167 2.15 -16.90 -25.03
C THR C 167 1.68 -18.19 -24.38
N ALA C 168 0.38 -18.41 -24.49
CA ALA C 168 -0.27 -19.60 -23.94
C ALA C 168 0.59 -20.83 -24.22
N GLN C 169 0.91 -21.03 -25.49
CA GLN C 169 1.72 -22.17 -25.90
C GLN C 169 3.01 -22.27 -25.11
N GLY C 170 3.83 -21.22 -25.15
CA GLY C 170 5.10 -21.25 -24.43
C GLY C 170 4.99 -21.42 -22.92
N PHE C 171 4.09 -20.66 -22.30
CA PHE C 171 3.93 -20.76 -20.85
C PHE C 171 3.62 -22.21 -20.47
N LEU C 172 2.58 -22.78 -21.08
CA LEU C 172 2.19 -24.16 -20.80
C LEU C 172 3.39 -25.11 -20.81
N LYS C 173 4.19 -25.03 -21.87
CA LYS C 173 5.37 -25.88 -22.01
C LYS C 173 6.30 -25.91 -20.80
N SER C 174 6.41 -24.80 -20.08
CA SER C 174 7.26 -24.75 -18.87
C SER C 174 6.39 -24.74 -17.62
N VAL C 175 5.11 -25.07 -17.78
CA VAL C 175 4.17 -25.08 -16.66
C VAL C 175 4.67 -25.90 -15.46
N LYS C 176 5.68 -26.73 -15.71
CA LYS C 176 6.29 -27.58 -14.70
C LYS C 176 7.16 -26.81 -13.69
N SER C 177 7.88 -25.79 -14.17
CA SER C 177 8.75 -25.01 -13.29
C SER C 177 8.26 -23.58 -13.03
N MSE C 178 6.96 -23.35 -13.15
CA MSE C 178 6.40 -22.02 -12.93
C MSE C 178 5.69 -21.86 -11.58
O MSE C 178 4.59 -21.29 -11.52
CB MSE C 178 5.43 -21.64 -14.06
CG MSE C 178 6.07 -21.53 -15.44
SE MSE C 178 7.65 -20.37 -15.47
CE MSE C 178 9.02 -21.73 -15.56
N GLY C 179 6.30 -22.33 -10.50
CA GLY C 179 5.67 -22.24 -9.19
C GLY C 179 6.21 -21.13 -8.31
N GLN C 180 5.70 -21.03 -7.08
CA GLN C 180 6.14 -20.03 -6.13
C GLN C 180 5.88 -20.47 -4.70
N MSE D 1 -17.58 -5.02 -27.69
CA MSE D 1 -17.67 -5.45 -26.25
C MSE D 1 -19.14 -5.61 -25.88
O MSE D 1 -19.54 -6.66 -25.36
CB MSE D 1 -17.00 -4.41 -25.36
CG MSE D 1 -16.16 -4.98 -24.22
SE MSE D 1 -14.75 -6.14 -24.89
CE MSE D 1 -13.49 -4.78 -25.39
N GLN D 2 -19.94 -4.58 -26.16
CA GLN D 2 -21.38 -4.60 -25.88
C GLN D 2 -21.84 -5.94 -26.37
N GLN D 3 -21.27 -6.32 -27.50
CA GLN D 3 -21.56 -7.57 -28.17
C GLN D 3 -21.44 -8.78 -27.24
N LYS D 4 -20.22 -9.02 -26.78
CA LYS D 4 -19.91 -10.14 -25.93
C LYS D 4 -20.37 -9.97 -24.47
N LEU D 5 -20.29 -8.75 -23.95
CA LEU D 5 -20.70 -8.47 -22.59
C LEU D 5 -22.10 -8.92 -22.24
N GLU D 6 -23.06 -8.53 -23.07
CA GLU D 6 -24.47 -8.87 -22.84
C GLU D 6 -24.71 -10.36 -22.82
N ASN D 7 -23.79 -11.10 -23.43
CA ASN D 7 -23.91 -12.54 -23.51
C ASN D 7 -23.22 -13.36 -22.43
N ILE D 8 -22.56 -12.68 -21.49
CA ILE D 8 -21.86 -13.34 -20.41
C ILE D 8 -22.77 -13.88 -19.32
N LYS D 9 -22.61 -15.13 -18.98
CA LYS D 9 -23.45 -15.71 -17.96
C LYS D 9 -22.57 -16.33 -16.91
N PHE D 10 -21.26 -16.27 -17.15
CA PHE D 10 -20.30 -16.87 -16.22
C PHE D 10 -18.93 -16.16 -16.21
N VAL D 11 -18.55 -15.63 -15.05
CA VAL D 11 -17.29 -14.91 -14.90
C VAL D 11 -16.24 -15.70 -14.14
N ILE D 12 -15.05 -15.80 -14.70
CA ILE D 12 -13.96 -16.52 -14.06
C ILE D 12 -12.81 -15.54 -13.88
N THR D 13 -12.37 -15.36 -12.64
CA THR D 13 -11.30 -14.43 -12.33
C THR D 13 -10.11 -15.10 -11.68
N ASP D 14 -8.90 -14.67 -12.08
CA ASP D 14 -7.71 -15.18 -11.43
C ASP D 14 -7.83 -14.48 -10.05
N VAL D 15 -6.90 -14.76 -9.14
CA VAL D 15 -6.96 -14.14 -7.83
C VAL D 15 -5.79 -13.19 -7.61
N ASP D 16 -4.58 -13.75 -7.56
CA ASP D 16 -3.41 -12.93 -7.30
C ASP D 16 -3.08 -12.07 -8.47
N GLY D 17 -3.16 -10.75 -8.25
CA GLY D 17 -2.92 -9.80 -9.29
C GLY D 17 -4.20 -9.26 -9.88
N VAL D 18 -5.33 -9.91 -9.64
CA VAL D 18 -6.59 -9.41 -10.16
C VAL D 18 -7.48 -8.96 -9.00
N LEU D 19 -7.90 -9.91 -8.19
CA LEU D 19 -8.71 -9.57 -7.04
C LEU D 19 -7.79 -8.99 -5.97
N THR D 20 -6.50 -9.16 -6.25
CA THR D 20 -5.37 -8.78 -5.41
C THR D 20 -4.41 -7.88 -6.19
N ASP D 21 -3.60 -7.08 -5.49
CA ASP D 21 -2.61 -6.26 -6.20
C ASP D 21 -1.35 -7.09 -6.49
N GLY D 22 -1.46 -8.40 -6.26
CA GLY D 22 -0.34 -9.28 -6.57
C GLY D 22 0.66 -9.49 -5.45
N GLN D 23 0.44 -8.79 -4.35
CA GLN D 23 1.32 -8.94 -3.23
C GLN D 23 0.98 -10.22 -2.49
N LEU D 24 2.03 -10.95 -2.16
CA LEU D 24 1.91 -12.13 -1.38
C LEU D 24 2.51 -11.61 -0.09
N HIS D 25 1.67 -11.52 0.93
CA HIS D 25 2.11 -11.05 2.23
C HIS D 25 2.58 -12.23 3.06
N TYR D 26 3.89 -12.29 3.27
CA TYR D 26 4.45 -13.40 4.03
C TYR D 26 4.73 -13.02 5.44
N ASP D 27 4.64 -14.04 6.29
CA ASP D 27 5.03 -13.91 7.68
C ASP D 27 5.92 -15.16 7.75
N ALA D 28 6.52 -15.41 8.90
CA ALA D 28 7.43 -16.56 9.02
C ALA D 28 6.86 -17.87 8.48
N ASN D 29 5.54 -17.96 8.34
CA ASN D 29 4.91 -19.20 7.90
C ASN D 29 4.37 -19.29 6.48
N GLY D 30 4.86 -18.40 5.64
CA GLY D 30 4.37 -18.39 4.28
C GLY D 30 3.32 -17.29 4.17
N GLU D 31 2.37 -17.51 3.26
CA GLU D 31 1.29 -16.57 2.99
C GLU D 31 0.52 -16.32 4.23
N ALA D 32 0.58 -15.10 4.75
CA ALA D 32 -0.14 -14.74 5.97
C ALA D 32 -1.40 -13.90 5.71
N ILE D 33 -1.31 -13.00 4.75
CA ILE D 33 -2.44 -12.11 4.44
C ILE D 33 -2.57 -11.97 2.95
N LYS D 34 -3.80 -11.77 2.52
CA LYS D 34 -4.11 -11.54 1.11
C LYS D 34 -5.10 -10.38 1.13
N SER D 35 -4.80 -9.37 0.34
CA SER D 35 -5.65 -8.19 0.30
C SER D 35 -6.64 -8.19 -0.84
N PHE D 36 -7.93 -8.21 -0.52
CA PHE D 36 -8.93 -8.16 -1.56
C PHE D 36 -9.52 -6.78 -1.50
N HIS D 37 -10.34 -6.42 -2.46
CA HIS D 37 -10.91 -5.09 -2.44
C HIS D 37 -12.40 -5.14 -2.19
N VAL D 38 -12.88 -4.30 -1.27
CA VAL D 38 -14.29 -4.29 -0.95
C VAL D 38 -15.20 -3.99 -2.14
N ARG D 39 -14.78 -3.18 -3.10
CA ARG D 39 -15.68 -2.90 -4.23
C ARG D 39 -15.82 -4.10 -5.14
N ASP D 40 -14.74 -4.88 -5.28
CA ASP D 40 -14.77 -6.08 -6.10
C ASP D 40 -15.81 -7.03 -5.55
N GLY D 41 -15.82 -7.23 -4.24
CA GLY D 41 -16.78 -8.17 -3.66
C GLY D 41 -18.23 -7.81 -3.93
N LEU D 42 -18.54 -6.53 -3.79
CA LEU D 42 -19.88 -6.03 -4.03
C LEU D 42 -20.22 -6.36 -5.48
N GLY D 43 -19.22 -6.24 -6.34
CA GLY D 43 -19.40 -6.51 -7.76
C GLY D 43 -19.64 -7.98 -8.03
N ILE D 44 -18.97 -8.82 -7.27
CA ILE D 44 -19.11 -10.26 -7.41
C ILE D 44 -20.56 -10.62 -7.08
N LYS D 45 -21.08 -10.03 -6.00
CA LYS D 45 -22.45 -10.25 -5.53
C LYS D 45 -23.48 -9.73 -6.51
N MSE D 46 -23.24 -8.53 -7.02
CA MSE D 46 -24.14 -7.92 -7.98
C MSE D 46 -24.25 -8.82 -9.22
O MSE D 46 -25.32 -8.94 -9.80
CB MSE D 46 -23.64 -6.52 -8.38
CG MSE D 46 -23.71 -5.49 -7.24
SE MSE D 46 -22.68 -3.96 -7.70
CE MSE D 46 -23.41 -2.64 -6.49
N LEU D 47 -23.14 -9.44 -9.62
CA LEU D 47 -23.16 -10.33 -10.78
C LEU D 47 -24.02 -11.54 -10.43
N MSE D 48 -23.64 -12.22 -9.36
CA MSE D 48 -24.38 -13.40 -8.91
C MSE D 48 -25.85 -13.08 -8.77
O MSE D 48 -26.71 -13.79 -9.27
CB MSE D 48 -23.82 -13.89 -7.58
CG MSE D 48 -22.33 -14.13 -7.60
SE MSE D 48 -21.78 -14.96 -5.99
CE MSE D 48 -21.43 -16.69 -6.79
N ASP D 49 -26.14 -11.98 -8.09
CA ASP D 49 -27.51 -11.57 -7.88
C ASP D 49 -28.23 -11.32 -9.21
N ALA D 50 -27.47 -11.04 -10.24
CA ALA D 50 -28.03 -10.79 -11.53
C ALA D 50 -27.89 -12.00 -12.46
N ASP D 51 -27.98 -13.18 -11.89
CA ASP D 51 -27.87 -14.40 -12.67
C ASP D 51 -26.63 -14.45 -13.57
N ILE D 52 -25.48 -14.46 -12.93
CA ILE D 52 -24.20 -14.52 -13.61
C ILE D 52 -23.26 -15.16 -12.60
N GLN D 53 -23.03 -16.45 -12.76
CA GLN D 53 -22.16 -17.18 -11.86
C GLN D 53 -20.75 -16.64 -11.92
N VAL D 54 -20.04 -16.80 -10.80
CA VAL D 54 -18.69 -16.31 -10.70
C VAL D 54 -17.81 -17.38 -10.08
N ALA D 55 -16.73 -17.70 -10.77
CA ALA D 55 -15.78 -18.70 -10.28
C ALA D 55 -14.35 -18.15 -10.30
N VAL D 56 -13.49 -18.67 -9.44
CA VAL D 56 -12.12 -18.22 -9.47
C VAL D 56 -11.20 -19.35 -9.88
N LEU D 57 -10.26 -19.02 -10.75
CA LEU D 57 -9.30 -19.98 -11.24
C LEU D 57 -8.00 -19.39 -10.76
N SER D 58 -7.32 -20.05 -9.83
CA SER D 58 -6.06 -19.51 -9.31
C SER D 58 -4.92 -20.51 -9.38
N GLY D 59 -3.79 -20.06 -9.92
CA GLY D 59 -2.63 -20.94 -10.00
C GLY D 59 -2.01 -21.16 -8.62
N ARG D 60 -2.77 -20.85 -7.59
CA ARG D 60 -2.29 -21.00 -6.23
C ARG D 60 -3.47 -21.38 -5.32
N ASP D 61 -3.21 -21.73 -4.07
CA ASP D 61 -4.30 -22.10 -3.16
C ASP D 61 -3.92 -21.80 -1.72
N SER D 62 -4.88 -21.37 -0.92
CA SER D 62 -4.61 -21.06 0.47
C SER D 62 -5.92 -20.94 1.22
N PRO D 63 -5.91 -21.29 2.51
CA PRO D 63 -7.10 -21.22 3.36
C PRO D 63 -7.68 -19.80 3.33
N ILE D 64 -6.80 -18.83 3.12
CA ILE D 64 -7.15 -17.40 3.01
C ILE D 64 -8.04 -17.18 1.79
N LEU D 65 -7.59 -17.64 0.63
CA LEU D 65 -8.38 -17.52 -0.58
C LEU D 65 -9.71 -18.27 -0.38
N ARG D 66 -9.64 -19.43 0.25
CA ARG D 66 -10.85 -20.21 0.46
C ARG D 66 -11.84 -19.44 1.31
N ARG D 67 -11.34 -18.80 2.37
CA ARG D 67 -12.20 -18.03 3.26
C ARG D 67 -12.89 -16.93 2.47
N ARG D 68 -12.11 -16.20 1.68
CA ARG D 68 -12.67 -15.10 0.90
C ARG D 68 -13.75 -15.64 -0.03
N ILE D 69 -13.44 -16.76 -0.70
CA ILE D 69 -14.39 -17.41 -1.59
C ILE D 69 -15.70 -17.73 -0.85
N ALA D 70 -15.58 -18.20 0.39
CA ALA D 70 -16.75 -18.52 1.17
C ALA D 70 -17.50 -17.26 1.62
N ASP D 71 -16.76 -16.18 1.93
CA ASP D 71 -17.42 -14.95 2.37
C ASP D 71 -18.31 -14.43 1.24
N LEU D 72 -17.81 -14.58 0.00
CA LEU D 72 -18.51 -14.12 -1.17
C LEU D 72 -19.56 -15.09 -1.71
N GLY D 73 -19.55 -16.31 -1.19
CA GLY D 73 -20.50 -17.28 -1.68
C GLY D 73 -20.15 -17.82 -3.05
N ILE D 74 -18.87 -17.75 -3.43
CA ILE D 74 -18.52 -18.30 -4.72
C ILE D 74 -18.59 -19.83 -4.60
N LYS D 75 -19.29 -20.48 -5.53
CA LYS D 75 -19.44 -21.93 -5.48
C LYS D 75 -18.49 -22.73 -6.38
N LEU D 76 -18.23 -22.20 -7.57
CA LEU D 76 -17.36 -22.89 -8.51
C LEU D 76 -15.95 -22.33 -8.44
N PHE D 77 -14.96 -23.20 -8.31
CA PHE D 77 -13.58 -22.71 -8.28
C PHE D 77 -12.53 -23.80 -8.34
N PHE D 78 -11.35 -23.44 -8.84
CA PHE D 78 -10.21 -24.33 -9.00
C PHE D 78 -8.93 -23.66 -8.52
N LEU D 79 -8.30 -24.22 -7.49
CA LEU D 79 -7.10 -23.64 -6.97
C LEU D 79 -5.89 -24.57 -7.11
N GLY D 80 -4.69 -24.00 -6.99
CA GLY D 80 -3.47 -24.79 -7.08
C GLY D 80 -3.08 -25.30 -8.46
N LYS D 81 -3.95 -25.13 -9.46
CA LYS D 81 -3.63 -25.61 -10.81
C LYS D 81 -3.19 -24.47 -11.74
N LEU D 82 -1.92 -24.52 -12.15
CA LEU D 82 -1.30 -23.52 -13.04
C LEU D 82 -1.60 -23.64 -14.53
N GLU D 83 -2.33 -24.69 -14.92
CA GLU D 83 -2.70 -24.87 -16.32
C GLU D 83 -4.15 -24.40 -16.30
N LYS D 84 -4.47 -23.35 -17.04
CA LYS D 84 -5.81 -22.80 -17.02
C LYS D 84 -6.79 -23.09 -18.13
N GLU D 85 -6.30 -23.59 -19.26
CA GLU D 85 -7.18 -23.90 -20.37
C GLU D 85 -8.27 -24.96 -20.04
N THR D 86 -7.86 -26.18 -19.72
CA THR D 86 -8.82 -27.23 -19.43
C THR D 86 -9.57 -26.91 -18.16
N ALA D 87 -8.94 -26.11 -17.30
CA ALA D 87 -9.58 -25.74 -16.04
C ALA D 87 -10.81 -24.85 -16.29
N CYS D 88 -10.76 -24.01 -17.31
CA CYS D 88 -11.87 -23.13 -17.64
C CYS D 88 -13.04 -23.92 -18.19
N PHE D 89 -12.80 -24.73 -19.22
CA PHE D 89 -13.86 -25.56 -19.78
C PHE D 89 -14.48 -26.39 -18.63
N ASP D 90 -13.62 -26.89 -17.74
CA ASP D 90 -14.10 -27.67 -16.60
C ASP D 90 -15.02 -26.82 -15.73
N LEU D 91 -14.76 -25.52 -15.66
CA LEU D 91 -15.59 -24.61 -14.88
C LEU D 91 -16.86 -24.34 -15.68
N MSE D 92 -16.69 -24.18 -17.00
CA MSE D 92 -17.80 -23.91 -17.89
C MSE D 92 -18.81 -25.06 -17.94
O MSE D 92 -20.02 -24.82 -18.01
CB MSE D 92 -17.26 -23.67 -19.28
CG MSE D 92 -16.25 -22.59 -19.37
SE MSE D 92 -15.97 -22.31 -21.20
CE MSE D 92 -14.04 -22.22 -21.24
N LYS D 93 -18.30 -26.30 -17.93
CA LYS D 93 -19.17 -27.46 -17.95
C LYS D 93 -19.95 -27.43 -16.65
N GLN D 94 -19.24 -27.17 -15.56
CA GLN D 94 -19.88 -27.10 -14.26
C GLN D 94 -20.93 -26.00 -14.15
N ALA D 95 -20.79 -24.95 -14.94
CA ALA D 95 -21.73 -23.83 -14.87
C ALA D 95 -22.84 -23.94 -15.90
N GLY D 96 -22.70 -24.90 -16.80
CA GLY D 96 -23.69 -25.06 -17.83
C GLY D 96 -23.68 -23.85 -18.75
N VAL D 97 -22.48 -23.37 -19.07
CA VAL D 97 -22.31 -22.22 -19.96
C VAL D 97 -21.28 -22.60 -21.00
N THR D 98 -21.31 -21.93 -22.14
CA THR D 98 -20.34 -22.22 -23.20
C THR D 98 -19.19 -21.23 -23.10
N ALA D 99 -18.21 -21.36 -23.99
CA ALA D 99 -17.08 -20.43 -23.97
C ALA D 99 -17.68 -19.04 -24.20
N GLU D 100 -18.50 -18.91 -25.23
CA GLU D 100 -19.13 -17.63 -25.55
C GLU D 100 -20.02 -17.05 -24.44
N GLN D 101 -20.10 -17.74 -23.32
CA GLN D 101 -20.93 -17.22 -22.25
C GLN D 101 -20.10 -16.93 -21.02
N THR D 102 -18.79 -17.16 -21.11
CA THR D 102 -17.91 -16.94 -19.97
C THR D 102 -16.82 -15.88 -20.19
N ALA D 103 -16.72 -14.96 -19.24
CA ALA D 103 -15.72 -13.91 -19.32
C ALA D 103 -14.63 -14.30 -18.36
N TYR D 104 -13.41 -13.84 -18.63
CA TYR D 104 -12.28 -14.14 -17.77
C TYR D 104 -11.39 -12.91 -17.54
N ILE D 105 -10.96 -12.69 -16.29
CA ILE D 105 -10.09 -11.57 -15.97
C ILE D 105 -8.79 -12.09 -15.36
N GLY D 106 -7.69 -11.69 -15.98
CA GLY D 106 -6.35 -12.11 -15.59
C GLY D 106 -5.33 -10.97 -15.56
N ASP D 107 -4.07 -11.29 -15.26
CA ASP D 107 -3.03 -10.27 -15.16
C ASP D 107 -1.66 -10.74 -15.65
N ASP D 108 -1.39 -12.04 -15.64
CA ASP D 108 -0.08 -12.51 -16.09
C ASP D 108 -0.09 -13.64 -17.12
N SER D 109 1.10 -14.04 -17.52
CA SER D 109 1.28 -15.12 -18.51
C SER D 109 0.44 -16.35 -18.18
N VAL D 110 0.45 -16.73 -16.92
CA VAL D 110 -0.29 -17.87 -16.44
C VAL D 110 -1.74 -17.84 -16.95
N ASP D 111 -2.24 -16.64 -17.20
CA ASP D 111 -3.62 -16.50 -17.67
C ASP D 111 -3.72 -16.51 -19.19
N LEU D 112 -2.59 -16.43 -19.91
CA LEU D 112 -2.67 -16.43 -21.37
C LEU D 112 -3.58 -17.54 -21.89
N PRO D 113 -3.45 -18.78 -21.37
CA PRO D 113 -4.31 -19.86 -21.86
C PRO D 113 -5.80 -19.72 -21.53
N ALA D 114 -6.14 -19.03 -20.45
CA ALA D 114 -7.56 -18.87 -20.09
C ALA D 114 -8.22 -17.83 -21.00
N PHE D 115 -7.43 -16.90 -21.53
CA PHE D 115 -7.99 -15.88 -22.41
C PHE D 115 -8.32 -16.60 -23.71
N ALA D 116 -7.53 -17.62 -24.02
CA ALA D 116 -7.74 -18.38 -25.24
C ALA D 116 -8.99 -19.23 -25.05
N ALA D 117 -9.17 -19.76 -23.84
CA ALA D 117 -10.32 -20.60 -23.58
C ALA D 117 -11.67 -19.91 -23.44
N CYS D 118 -11.73 -18.76 -22.76
CA CYS D 118 -13.01 -18.06 -22.56
C CYS D 118 -13.66 -17.17 -23.62
N GLY D 119 -12.95 -16.78 -24.67
CA GLY D 119 -13.62 -15.99 -25.70
C GLY D 119 -13.91 -14.53 -25.33
N THR D 120 -14.01 -14.25 -24.04
CA THR D 120 -14.20 -12.88 -23.56
C THR D 120 -13.28 -12.71 -22.33
N SER D 121 -12.16 -12.01 -22.56
CA SER D 121 -11.17 -11.78 -21.53
C SER D 121 -10.89 -10.33 -21.13
N PHE D 122 -10.46 -10.17 -19.89
CA PHE D 122 -10.11 -8.87 -19.33
C PHE D 122 -8.70 -8.91 -18.76
N ALA D 123 -8.02 -7.76 -18.79
CA ALA D 123 -6.67 -7.67 -18.24
C ALA D 123 -6.68 -6.52 -17.25
N VAL D 124 -6.08 -6.70 -16.08
CA VAL D 124 -6.05 -5.58 -15.15
C VAL D 124 -5.04 -4.54 -15.65
N ALA D 125 -5.25 -3.29 -15.24
CA ALA D 125 -4.40 -2.16 -15.63
C ALA D 125 -2.92 -2.39 -15.52
N ASP D 126 -2.45 -2.95 -14.41
CA ASP D 126 -1.01 -3.17 -14.26
C ASP D 126 -0.48 -4.45 -14.95
N ALA D 127 -1.36 -5.14 -15.65
CA ALA D 127 -0.97 -6.34 -16.39
C ALA D 127 0.15 -5.98 -17.37
N PRO D 128 1.07 -6.91 -17.67
CA PRO D 128 2.14 -6.57 -18.63
C PRO D 128 1.56 -6.47 -20.06
N ILE D 129 2.32 -5.87 -20.98
CA ILE D 129 1.81 -5.70 -22.35
C ILE D 129 1.48 -7.00 -23.10
N TYR D 130 2.21 -8.08 -22.85
CA TYR D 130 1.87 -9.32 -23.55
C TYR D 130 0.54 -9.89 -23.08
N VAL D 131 0.05 -9.45 -21.92
CA VAL D 131 -1.26 -9.94 -21.45
C VAL D 131 -2.31 -9.02 -22.03
N LYS D 132 -2.01 -7.72 -22.01
CA LYS D 132 -2.93 -6.70 -22.53
C LYS D 132 -3.20 -7.04 -23.98
N ASN D 133 -2.15 -7.40 -24.71
CA ASN D 133 -2.28 -7.76 -26.12
C ASN D 133 -3.04 -9.05 -26.36
N ALA D 134 -3.23 -9.84 -25.31
CA ALA D 134 -3.92 -11.13 -25.44
C ALA D 134 -5.35 -11.12 -24.93
N VAL D 135 -5.88 -9.95 -24.59
CA VAL D 135 -7.25 -9.93 -24.10
C VAL D 135 -8.16 -9.07 -24.96
N ASP D 136 -9.43 -9.05 -24.62
CA ASP D 136 -10.39 -8.27 -25.37
C ASP D 136 -10.44 -6.85 -24.85
N HIS D 137 -10.33 -6.72 -23.54
CA HIS D 137 -10.41 -5.43 -22.86
C HIS D 137 -9.45 -5.26 -21.68
N VAL D 138 -8.72 -4.14 -21.68
CA VAL D 138 -7.80 -3.80 -20.60
C VAL D 138 -8.57 -2.90 -19.60
N LEU D 139 -8.45 -3.19 -18.31
CA LEU D 139 -9.16 -2.38 -17.34
C LEU D 139 -8.37 -1.15 -16.96
N SER D 140 -9.07 -0.09 -16.61
CA SER D 140 -8.36 1.10 -16.19
C SER D 140 -7.86 0.91 -14.74
N THR D 141 -8.54 0.06 -13.96
CA THR D 141 -8.14 -0.16 -12.57
C THR D 141 -7.02 -1.20 -12.38
N HIS D 142 -6.18 -1.00 -11.38
CA HIS D 142 -5.12 -1.97 -11.13
C HIS D 142 -5.69 -3.19 -10.42
N GLY D 143 -5.01 -4.32 -10.59
CA GLY D 143 -5.45 -5.51 -9.89
C GLY D 143 -5.53 -5.19 -8.41
N GLY D 144 -6.58 -5.65 -7.73
CA GLY D 144 -6.71 -5.37 -6.31
C GLY D 144 -7.19 -3.97 -5.95
N LYS D 145 -7.39 -3.11 -6.94
CA LYS D 145 -7.86 -1.78 -6.61
C LYS D 145 -9.30 -1.58 -7.07
N GLY D 146 -9.94 -2.69 -7.43
CA GLY D 146 -11.31 -2.65 -7.92
C GLY D 146 -11.43 -3.03 -9.39
N ALA D 147 -10.38 -3.62 -9.95
CA ALA D 147 -10.38 -4.03 -11.36
C ALA D 147 -11.56 -4.93 -11.67
N PHE D 148 -11.82 -5.87 -10.77
CA PHE D 148 -12.90 -6.80 -11.00
C PHE D 148 -14.21 -6.03 -11.06
N ARG D 149 -14.39 -5.13 -10.10
CA ARG D 149 -15.59 -4.33 -10.00
C ARG D 149 -15.78 -3.51 -11.25
N GLU D 150 -14.69 -3.02 -11.81
CA GLU D 150 -14.78 -2.22 -13.02
C GLU D 150 -15.41 -3.13 -14.11
N MSE D 151 -14.99 -4.37 -14.13
CA MSE D 151 -15.49 -5.33 -15.09
C MSE D 151 -16.95 -5.71 -14.81
O MSE D 151 -17.79 -5.69 -15.72
CB MSE D 151 -14.63 -6.59 -15.06
CG MSE D 151 -15.18 -7.69 -15.96
SE MSE D 151 -14.43 -9.39 -15.65
CE MSE D 151 -15.13 -9.59 -13.92
N SER D 152 -17.27 -6.05 -13.57
CA SER D 152 -18.62 -6.43 -13.25
C SER D 152 -19.52 -5.25 -13.57
N ASP D 153 -19.09 -4.07 -13.14
CA ASP D 153 -19.85 -2.87 -13.41
C ASP D 153 -20.20 -2.77 -14.91
N MSE D 154 -19.24 -3.04 -15.79
CA MSE D 154 -19.56 -2.89 -17.21
C MSE D 154 -20.34 -4.06 -17.82
O MSE D 154 -21.02 -3.89 -18.84
CB MSE D 154 -18.29 -2.54 -18.02
CG MSE D 154 -17.11 -3.46 -17.83
SE MSE D 154 -15.52 -2.85 -18.82
CE MSE D 154 -16.16 -3.14 -20.62
N ILE D 155 -20.27 -5.23 -17.19
CA ILE D 155 -20.99 -6.38 -17.69
C ILE D 155 -22.45 -6.13 -17.35
N LEU D 156 -22.70 -5.72 -16.11
CA LEU D 156 -24.05 -5.42 -15.66
C LEU D 156 -24.55 -4.15 -16.34
N GLN D 157 -23.62 -3.41 -16.93
CA GLN D 157 -23.97 -2.18 -17.61
C GLN D 157 -24.66 -2.53 -18.92
N ALA D 158 -23.93 -3.25 -19.76
CA ALA D 158 -24.40 -3.66 -21.07
C ALA D 158 -25.67 -4.53 -21.06
N GLN D 159 -25.89 -5.28 -19.99
CA GLN D 159 -27.08 -6.13 -19.88
C GLN D 159 -28.28 -5.44 -19.23
N GLY D 160 -28.20 -4.11 -19.13
CA GLY D 160 -29.28 -3.31 -18.58
C GLY D 160 -29.57 -3.46 -17.11
N LYS D 161 -28.64 -4.06 -16.38
CA LYS D 161 -28.84 -4.26 -14.97
C LYS D 161 -28.09 -3.22 -14.10
N SER D 162 -27.50 -2.21 -14.75
CA SER D 162 -26.74 -1.22 -13.98
C SER D 162 -27.48 -0.59 -12.79
N SER D 163 -28.81 -0.52 -12.83
CA SER D 163 -29.56 0.12 -11.76
C SER D 163 -29.14 -0.36 -10.36
N VAL D 164 -28.66 -1.61 -10.30
CA VAL D 164 -28.21 -2.23 -9.06
C VAL D 164 -27.04 -1.49 -8.41
N PHE D 165 -26.23 -0.83 -9.23
CA PHE D 165 -25.10 -0.09 -8.70
C PHE D 165 -25.18 1.40 -8.98
N ASP D 166 -26.04 1.73 -9.93
CA ASP D 166 -26.31 3.08 -10.42
C ASP D 166 -27.01 3.96 -9.43
N THR D 167 -27.96 3.38 -8.71
CA THR D 167 -28.78 4.18 -7.82
C THR D 167 -29.20 3.64 -6.48
N ALA D 168 -29.60 4.55 -5.61
CA ALA D 168 -30.04 4.17 -4.29
C ALA D 168 -31.18 3.15 -4.33
N GLN D 169 -32.13 3.33 -5.24
CA GLN D 169 -33.30 2.46 -5.35
C GLN D 169 -32.96 1.09 -5.93
N GLY D 170 -32.19 1.10 -7.01
CA GLY D 170 -31.80 -0.16 -7.62
C GLY D 170 -30.98 -0.98 -6.64
N PHE D 171 -30.14 -0.29 -5.87
CA PHE D 171 -29.30 -0.99 -4.92
C PHE D 171 -30.12 -1.52 -3.76
N LEU D 172 -30.98 -0.69 -3.17
CA LEU D 172 -31.78 -1.20 -2.06
C LEU D 172 -32.61 -2.42 -2.52
N LYS D 173 -32.91 -2.50 -3.82
CA LYS D 173 -33.67 -3.63 -4.35
C LYS D 173 -32.94 -4.95 -4.05
N SER D 174 -31.72 -5.07 -4.58
CA SER D 174 -30.90 -6.28 -4.41
C SER D 174 -30.15 -6.31 -3.10
N VAL D 175 -30.54 -5.44 -2.16
CA VAL D 175 -29.90 -5.33 -0.86
C VAL D 175 -29.73 -6.64 -0.09
N LYS D 176 -30.67 -7.58 -0.24
CA LYS D 176 -30.57 -8.86 0.46
C LYS D 176 -29.64 -9.87 -0.22
N SER D 177 -28.76 -9.38 -1.09
CA SER D 177 -27.83 -10.26 -1.80
C SER D 177 -26.47 -9.57 -2.04
N MSE D 178 -26.20 -8.52 -1.27
CA MSE D 178 -24.95 -7.78 -1.44
C MSE D 178 -23.86 -8.06 -0.38
O MSE D 178 -22.74 -7.55 -0.49
CB MSE D 178 -25.29 -6.28 -1.46
CG MSE D 178 -26.32 -5.91 -2.53
SE MSE D 178 -25.70 -6.36 -4.30
CE MSE D 178 -26.79 -7.91 -4.63
N GLY D 179 -24.18 -8.89 0.61
CA GLY D 179 -23.20 -9.20 1.65
C GLY D 179 -21.90 -9.86 1.20
N GLN D 180 -20.93 -10.00 2.11
CA GLN D 180 -19.66 -10.63 1.79
C GLN D 180 -18.80 -10.96 3.01
C1 GOL E . -1.40 -5.45 5.31
O1 GOL E . -1.84 -6.68 5.83
C2 GOL E . 0.10 -5.26 5.34
O2 GOL E . 0.47 -4.63 6.58
C3 GOL E . 0.59 -4.41 4.13
O3 GOL E . 0.52 -3.00 4.51
#